data_2I9E
#
_entry.id   2I9E
#
_cell.length_a   37.06
_cell.length_b   145.08
_cell.length_c   94.28
_cell.angle_alpha   90.00
_cell.angle_beta   95.61
_cell.angle_gamma   90.00
#
_symmetry.space_group_name_H-M   'P 1 21 1'
#
loop_
_entity.id
_entity.type
_entity.pdbx_description
1 polymer 'Triosephosphate isomerase'
2 non-polymer 2-AMINO-2-HYDROXYMETHYL-PROPANE-1,3-DIOL
3 water water
#
_entity_poly.entity_id   1
_entity_poly.type   'polypeptide(L)'
_entity_poly.pdbx_seq_one_letter_code
;MARKFVVGGNWKMNGDKKQINEIIGFLKSGPLNQDTEVVVGVPAIYLELVRTCVPASIGVAAQNCYKVPKGAFTGEISPA
MIKDVGADWVILGHSERRQIFGESDELIAEKVCHALESGLKVIACIGETLEEREAGKTEEVVFRQTKAIAAKVNDWSNVV
IAYEPVWAIGTGKTATPQQAQDVHKALRQWICENIDAKVGNSIRIQYGGSVTAANCKELASQPDIDGFLVGGASLKPEFV
DIINARQLVPRGSHHHHHH
;
_entity_poly.pdbx_strand_id   A,B,C,D
#
# COMPACT_ATOMS: atom_id res chain seq x y z
N ALA A 2 3.71 -29.48 -31.54
CA ALA A 2 3.28 -28.10 -31.18
C ALA A 2 2.11 -28.13 -30.21
N ARG A 3 1.90 -27.02 -29.50
CA ARG A 3 0.81 -26.93 -28.54
C ARG A 3 -0.51 -26.61 -29.23
N LYS A 4 -1.52 -27.45 -29.04
CA LYS A 4 -2.81 -27.18 -29.66
C LYS A 4 -3.49 -25.96 -29.06
N PHE A 5 -3.90 -25.03 -29.92
CA PHE A 5 -4.56 -23.81 -29.50
C PHE A 5 -5.86 -24.17 -28.77
N VAL A 6 -6.05 -23.63 -27.57
CA VAL A 6 -7.24 -23.92 -26.78
C VAL A 6 -8.01 -22.67 -26.41
N VAL A 7 -9.27 -22.62 -26.78
CA VAL A 7 -10.11 -21.48 -26.47
C VAL A 7 -11.31 -21.89 -25.62
N GLY A 8 -11.33 -21.37 -24.39
CA GLY A 8 -12.41 -21.67 -23.48
C GLY A 8 -13.34 -20.48 -23.40
N GLY A 9 -14.63 -20.75 -23.24
CA GLY A 9 -15.62 -19.71 -23.12
C GLY A 9 -16.23 -19.79 -21.73
N ASN A 10 -15.86 -18.86 -20.86
CA ASN A 10 -16.40 -18.84 -19.52
C ASN A 10 -17.61 -17.92 -19.50
N TRP A 11 -18.80 -18.52 -19.50
CA TRP A 11 -20.07 -17.77 -19.49
C TRP A 11 -20.31 -17.07 -18.17
N LYS A 12 -19.63 -17.52 -17.11
CA LYS A 12 -19.83 -16.96 -15.78
C LYS A 12 -21.30 -17.17 -15.39
N MET A 13 -21.85 -16.31 -14.53
CA MET A 13 -23.24 -16.48 -14.13
C MET A 13 -24.17 -15.80 -15.13
N ASN A 14 -24.34 -16.43 -16.28
CA ASN A 14 -25.18 -15.93 -17.34
C ASN A 14 -25.81 -17.09 -18.08
N GLY A 15 -26.99 -16.87 -18.62
CA GLY A 15 -27.66 -17.91 -19.38
C GLY A 15 -29.02 -18.41 -18.91
N ASP A 16 -29.74 -18.97 -19.88
CA ASP A 16 -31.05 -19.57 -19.68
C ASP A 16 -31.27 -20.40 -20.94
N LYS A 17 -32.26 -21.28 -20.92
CA LYS A 17 -32.55 -22.13 -22.07
C LYS A 17 -32.50 -21.38 -23.41
N LYS A 18 -33.22 -20.27 -23.49
CA LYS A 18 -33.25 -19.47 -24.71
C LYS A 18 -31.86 -19.00 -25.13
N GLN A 19 -31.21 -18.27 -24.22
CA GLN A 19 -29.88 -17.75 -24.47
C GLN A 19 -28.88 -18.85 -24.83
N ILE A 20 -29.03 -20.02 -24.21
CA ILE A 20 -28.14 -21.15 -24.49
C ILE A 20 -28.35 -21.68 -25.90
N ASN A 21 -29.60 -21.64 -26.39
CA ASN A 21 -29.88 -22.10 -27.75
C ASN A 21 -29.26 -21.14 -28.74
N GLU A 22 -29.17 -19.88 -28.36
CA GLU A 22 -28.58 -18.85 -29.21
C GLU A 22 -27.09 -19.08 -29.31
N ILE A 23 -26.45 -19.19 -28.14
CA ILE A 23 -25.02 -19.40 -28.03
C ILE A 23 -24.54 -20.69 -28.70
N ILE A 24 -25.30 -21.77 -28.56
CA ILE A 24 -24.91 -23.03 -29.17
C ILE A 24 -25.16 -22.95 -30.66
N GLY A 25 -26.00 -22.00 -31.05
CA GLY A 25 -26.30 -21.81 -32.45
C GLY A 25 -25.08 -21.24 -33.11
N PHE A 26 -24.34 -20.42 -32.37
CA PHE A 26 -23.11 -19.79 -32.87
C PHE A 26 -22.09 -20.86 -33.20
N LEU A 27 -21.78 -21.72 -32.22
CA LEU A 27 -20.81 -22.79 -32.39
C LEU A 27 -21.14 -23.71 -33.57
N LYS A 28 -22.35 -24.26 -33.56
CA LYS A 28 -22.79 -25.15 -34.64
C LYS A 28 -22.72 -24.44 -35.98
N SER A 29 -23.21 -23.20 -36.00
CA SER A 29 -23.23 -22.40 -37.22
C SER A 29 -21.86 -21.91 -37.68
N GLY A 30 -21.38 -20.82 -37.06
CA GLY A 30 -20.11 -20.24 -37.42
C GLY A 30 -19.04 -21.25 -37.78
N PRO A 31 -18.11 -20.89 -38.68
CA PRO A 31 -17.04 -21.79 -39.11
C PRO A 31 -16.01 -21.93 -37.99
N LEU A 32 -15.72 -23.15 -37.57
CA LEU A 32 -14.76 -23.36 -36.51
C LEU A 32 -13.42 -23.88 -37.02
N ASN A 33 -12.35 -23.26 -36.53
CA ASN A 33 -10.99 -23.62 -36.89
C ASN A 33 -10.77 -25.08 -36.52
N GLN A 34 -10.24 -25.86 -37.45
CA GLN A 34 -9.99 -27.29 -37.23
C GLN A 34 -8.88 -27.55 -36.21
N ASP A 35 -8.00 -26.59 -36.03
CA ASP A 35 -6.87 -26.73 -35.11
C ASP A 35 -7.06 -26.03 -33.78
N THR A 36 -8.30 -25.87 -33.36
CA THR A 36 -8.60 -25.20 -32.10
C THR A 36 -9.46 -26.08 -31.21
N GLU A 37 -8.99 -26.33 -30.00
CA GLU A 37 -9.74 -27.13 -29.04
C GLU A 37 -10.63 -26.12 -28.34
N VAL A 38 -11.93 -26.33 -28.44
CA VAL A 38 -12.89 -25.43 -27.83
C VAL A 38 -13.59 -26.02 -26.60
N VAL A 39 -13.68 -25.20 -25.56
CA VAL A 39 -14.32 -25.59 -24.30
C VAL A 39 -15.27 -24.49 -23.88
N VAL A 40 -16.45 -24.89 -23.41
CA VAL A 40 -17.43 -23.91 -22.97
C VAL A 40 -17.76 -24.13 -21.48
N GLY A 41 -17.58 -23.09 -20.67
CA GLY A 41 -17.85 -23.16 -19.24
C GLY A 41 -19.23 -22.64 -18.92
N VAL A 42 -20.12 -23.52 -18.48
CA VAL A 42 -21.51 -23.14 -18.23
C VAL A 42 -21.96 -23.33 -16.78
N PRO A 43 -23.03 -22.63 -16.36
CA PRO A 43 -23.53 -22.77 -14.99
C PRO A 43 -24.00 -24.19 -14.75
N ALA A 44 -23.74 -24.71 -13.55
CA ALA A 44 -24.09 -26.09 -13.20
C ALA A 44 -25.49 -26.53 -13.61
N ILE A 45 -26.48 -25.66 -13.39
CA ILE A 45 -27.86 -25.98 -13.74
C ILE A 45 -28.07 -26.36 -15.21
N TYR A 46 -27.16 -25.92 -16.07
CA TYR A 46 -27.29 -26.19 -17.50
C TYR A 46 -26.23 -27.14 -18.07
N LEU A 47 -25.38 -27.68 -17.22
CA LEU A 47 -24.32 -28.59 -17.67
C LEU A 47 -24.78 -29.73 -18.56
N GLU A 48 -25.74 -30.53 -18.08
CA GLU A 48 -26.23 -31.65 -18.88
C GLU A 48 -26.88 -31.17 -20.17
N LEU A 49 -27.75 -30.16 -20.07
CA LEU A 49 -28.42 -29.61 -21.24
C LEU A 49 -27.40 -29.20 -22.31
N VAL A 50 -26.43 -28.37 -21.91
CA VAL A 50 -25.41 -27.90 -22.82
C VAL A 50 -24.59 -29.04 -23.40
N ARG A 51 -24.23 -30.01 -22.55
CA ARG A 51 -23.44 -31.16 -22.97
C ARG A 51 -24.16 -32.00 -24.03
N THR A 52 -25.49 -31.97 -24.01
CA THR A 52 -26.27 -32.73 -24.99
C THR A 52 -26.42 -31.98 -26.30
N CYS A 53 -26.54 -30.65 -26.21
CA CYS A 53 -26.72 -29.82 -27.40
C CYS A 53 -25.44 -29.43 -28.12
N VAL A 54 -24.29 -29.65 -27.48
CA VAL A 54 -23.01 -29.29 -28.08
C VAL A 54 -22.25 -30.51 -28.62
N PRO A 55 -21.66 -30.37 -29.83
CA PRO A 55 -20.90 -31.46 -30.47
C PRO A 55 -19.89 -32.12 -29.54
N ALA A 56 -19.71 -33.42 -29.71
CA ALA A 56 -18.77 -34.17 -28.87
C ALA A 56 -17.35 -33.61 -28.99
N SER A 57 -17.07 -32.92 -30.09
CA SER A 57 -15.75 -32.35 -30.31
C SER A 57 -15.48 -31.16 -29.39
N ILE A 58 -16.54 -30.48 -28.99
CA ILE A 58 -16.42 -29.32 -28.10
C ILE A 58 -16.54 -29.72 -26.63
N GLY A 59 -15.57 -29.28 -25.83
CA GLY A 59 -15.60 -29.60 -24.42
C GLY A 59 -16.65 -28.81 -23.67
N VAL A 60 -17.16 -29.38 -22.58
CA VAL A 60 -18.16 -28.70 -21.75
C VAL A 60 -17.61 -28.69 -20.34
N ALA A 61 -17.48 -27.49 -19.77
CA ALA A 61 -16.89 -27.37 -18.45
C ALA A 61 -17.80 -26.82 -17.38
N ALA A 62 -17.58 -27.30 -16.16
CA ALA A 62 -18.32 -26.80 -15.02
C ALA A 62 -17.49 -25.58 -14.68
N GLN A 63 -18.06 -24.62 -13.98
CA GLN A 63 -17.33 -23.41 -13.62
C GLN A 63 -16.69 -23.52 -12.25
N ASN A 64 -16.84 -24.69 -11.63
CA ASN A 64 -16.30 -24.95 -10.31
C ASN A 64 -16.73 -26.32 -9.82
N CYS A 65 -16.02 -26.83 -8.82
CA CYS A 65 -16.36 -28.11 -8.22
C CYS A 65 -15.65 -28.19 -6.88
N TYR A 66 -15.96 -29.21 -6.09
CA TYR A 66 -15.32 -29.35 -4.79
C TYR A 66 -14.23 -30.41 -4.86
N LYS A 67 -13.61 -30.70 -3.71
CA LYS A 67 -12.49 -31.65 -3.66
C LYS A 67 -12.74 -33.10 -3.26
N VAL A 68 -13.99 -33.48 -3.02
CA VAL A 68 -14.34 -34.87 -2.69
C VAL A 68 -15.55 -35.28 -3.55
N PRO A 69 -15.78 -36.59 -3.72
CA PRO A 69 -16.89 -37.08 -4.53
C PRO A 69 -18.27 -36.71 -4.02
N LYS A 70 -18.43 -36.74 -2.71
CA LYS A 70 -19.71 -36.45 -2.08
C LYS A 70 -19.45 -36.09 -0.62
N GLY A 71 -20.42 -35.44 0.00
CA GLY A 71 -20.25 -35.07 1.39
C GLY A 71 -21.19 -33.98 1.84
N ALA A 72 -21.05 -33.61 3.11
CA ALA A 72 -21.87 -32.58 3.73
C ALA A 72 -21.37 -31.21 3.31
N PHE A 73 -21.58 -30.90 2.04
CA PHE A 73 -21.14 -29.63 1.49
C PHE A 73 -22.26 -29.02 0.67
N THR A 74 -23.25 -28.50 1.38
CA THR A 74 -24.42 -27.90 0.76
C THR A 74 -24.00 -26.85 -0.25
N GLY A 75 -24.54 -26.95 -1.46
CA GLY A 75 -24.25 -25.99 -2.50
C GLY A 75 -23.05 -26.28 -3.39
N GLU A 76 -22.39 -27.41 -3.16
CA GLU A 76 -21.23 -27.77 -3.97
C GLU A 76 -21.55 -28.97 -4.87
N ILE A 77 -20.73 -29.15 -5.90
CA ILE A 77 -20.89 -30.28 -6.79
C ILE A 77 -19.50 -30.90 -6.95
N SER A 78 -19.45 -32.16 -7.34
CA SER A 78 -18.16 -32.82 -7.47
C SER A 78 -17.89 -33.29 -8.88
N PRO A 79 -16.63 -33.68 -9.16
CA PRO A 79 -16.21 -34.16 -10.47
C PRO A 79 -17.08 -35.35 -10.89
N ALA A 80 -17.42 -36.20 -9.94
CA ALA A 80 -18.24 -37.38 -10.22
C ALA A 80 -19.59 -36.96 -10.79
N MET A 81 -20.17 -35.90 -10.24
CA MET A 81 -21.45 -35.40 -10.74
C MET A 81 -21.27 -34.82 -12.15
N ILE A 82 -20.20 -34.05 -12.32
CA ILE A 82 -19.89 -33.43 -13.61
C ILE A 82 -19.75 -34.52 -14.68
N LYS A 83 -19.06 -35.60 -14.35
CA LYS A 83 -18.87 -36.70 -15.27
C LYS A 83 -20.16 -37.47 -15.47
N ASP A 84 -20.97 -37.49 -14.42
CA ASP A 84 -22.25 -38.18 -14.44
C ASP A 84 -23.18 -37.64 -15.52
N VAL A 85 -23.08 -36.34 -15.82
CA VAL A 85 -23.93 -35.75 -16.85
C VAL A 85 -23.23 -35.68 -18.19
N GLY A 86 -22.00 -36.17 -18.25
CA GLY A 86 -21.26 -36.15 -19.50
C GLY A 86 -20.22 -35.05 -19.64
N ALA A 87 -20.27 -34.02 -18.81
CA ALA A 87 -19.28 -32.94 -18.89
C ALA A 87 -17.89 -33.52 -18.70
N ASP A 88 -16.91 -32.96 -19.41
CA ASP A 88 -15.53 -33.45 -19.34
C ASP A 88 -14.49 -32.43 -18.89
N TRP A 89 -14.93 -31.19 -18.64
CA TRP A 89 -14.00 -30.15 -18.19
C TRP A 89 -14.50 -29.43 -16.95
N VAL A 90 -13.60 -28.71 -16.28
CA VAL A 90 -13.97 -27.91 -15.12
C VAL A 90 -13.00 -26.75 -14.99
N ILE A 91 -13.54 -25.56 -14.73
CA ILE A 91 -12.71 -24.37 -14.56
C ILE A 91 -12.47 -24.21 -13.06
N LEU A 92 -11.21 -24.07 -12.68
CA LEU A 92 -10.88 -23.94 -11.26
C LEU A 92 -9.91 -22.83 -10.94
N GLY A 93 -10.11 -22.20 -9.79
CA GLY A 93 -9.24 -21.12 -9.37
C GLY A 93 -9.53 -19.78 -10.02
N HIS A 94 -10.64 -19.67 -10.74
CA HIS A 94 -10.96 -18.40 -11.38
C HIS A 94 -10.84 -17.27 -10.36
N SER A 95 -10.38 -16.11 -10.82
CA SER A 95 -10.17 -14.95 -9.95
C SER A 95 -11.40 -14.49 -9.19
N GLU A 96 -12.59 -14.70 -9.75
CA GLU A 96 -13.81 -14.29 -9.07
C GLU A 96 -14.04 -15.20 -7.87
N ARG A 97 -13.62 -16.45 -7.99
CA ARG A 97 -13.76 -17.40 -6.90
C ARG A 97 -12.66 -17.19 -5.86
N ARG A 98 -11.47 -16.82 -6.32
CA ARG A 98 -10.38 -16.58 -5.39
C ARG A 98 -10.60 -15.32 -4.57
N GLN A 99 -11.11 -14.27 -5.22
CA GLN A 99 -11.32 -12.99 -4.57
C GLN A 99 -12.69 -12.70 -3.97
N ILE A 100 -13.75 -12.96 -4.73
CA ILE A 100 -15.09 -12.70 -4.21
C ILE A 100 -15.49 -13.78 -3.21
N PHE A 101 -15.17 -15.02 -3.52
CA PHE A 101 -15.53 -16.13 -2.64
C PHE A 101 -14.40 -16.69 -1.79
N GLY A 102 -13.28 -15.99 -1.79
CA GLY A 102 -12.12 -16.35 -0.99
C GLY A 102 -11.52 -17.74 -1.02
N GLU A 103 -11.50 -18.41 -2.16
CA GLU A 103 -10.91 -19.74 -2.23
C GLU A 103 -9.38 -19.55 -2.24
N SER A 104 -8.69 -20.30 -1.40
CA SER A 104 -7.23 -20.21 -1.29
C SER A 104 -6.48 -21.04 -2.31
N ASP A 105 -5.17 -20.79 -2.42
CA ASP A 105 -4.30 -21.50 -3.33
C ASP A 105 -4.39 -22.99 -3.05
N GLU A 106 -4.30 -23.32 -1.76
CA GLU A 106 -4.36 -24.70 -1.31
C GLU A 106 -5.66 -25.40 -1.72
N LEU A 107 -6.80 -24.78 -1.44
CA LEU A 107 -8.10 -25.37 -1.80
C LEU A 107 -8.17 -25.62 -3.30
N ILE A 108 -7.77 -24.61 -4.09
CA ILE A 108 -7.77 -24.69 -5.56
C ILE A 108 -6.91 -25.88 -5.99
N ALA A 109 -5.76 -26.03 -5.34
CA ALA A 109 -4.83 -27.12 -5.63
C ALA A 109 -5.52 -28.47 -5.40
N GLU A 110 -6.14 -28.59 -4.24
CA GLU A 110 -6.83 -29.83 -3.88
C GLU A 110 -7.95 -30.14 -4.87
N LYS A 111 -8.64 -29.10 -5.31
CA LYS A 111 -9.73 -29.24 -6.27
C LYS A 111 -9.21 -29.71 -7.62
N VAL A 112 -8.11 -29.12 -8.07
CA VAL A 112 -7.50 -29.48 -9.34
C VAL A 112 -7.10 -30.95 -9.27
N CYS A 113 -6.39 -31.30 -8.21
CA CYS A 113 -5.95 -32.68 -8.02
C CYS A 113 -7.10 -33.68 -8.11
N HIS A 114 -8.17 -33.41 -7.38
CA HIS A 114 -9.32 -34.31 -7.37
C HIS A 114 -10.00 -34.38 -8.73
N ALA A 115 -10.14 -33.24 -9.39
CA ALA A 115 -10.78 -33.20 -10.70
C ALA A 115 -10.01 -34.07 -11.70
N LEU A 116 -8.69 -33.90 -11.73
CA LEU A 116 -7.86 -34.69 -12.64
C LEU A 116 -7.95 -36.18 -12.31
N GLU A 117 -7.78 -36.53 -11.03
CA GLU A 117 -7.85 -37.93 -10.64
C GLU A 117 -9.23 -38.54 -10.93
N SER A 118 -10.25 -37.69 -10.98
CA SER A 118 -11.61 -38.14 -11.24
C SER A 118 -11.93 -38.28 -12.72
N GLY A 119 -10.98 -37.90 -13.58
CA GLY A 119 -11.19 -38.00 -15.02
C GLY A 119 -11.55 -36.72 -15.74
N LEU A 120 -11.41 -35.59 -15.06
CA LEU A 120 -11.74 -34.30 -15.68
C LEU A 120 -10.53 -33.55 -16.23
N LYS A 121 -10.74 -32.80 -17.31
CA LYS A 121 -9.70 -31.97 -17.89
C LYS A 121 -9.89 -30.66 -17.14
N VAL A 122 -8.81 -30.01 -16.75
CA VAL A 122 -8.91 -28.78 -15.98
C VAL A 122 -8.29 -27.53 -16.57
N ILE A 123 -8.93 -26.41 -16.30
CA ILE A 123 -8.45 -25.11 -16.69
C ILE A 123 -8.28 -24.44 -15.34
N ALA A 124 -7.03 -24.39 -14.87
CA ALA A 124 -6.73 -23.77 -13.59
C ALA A 124 -6.29 -22.33 -13.83
N CYS A 125 -6.92 -21.40 -13.14
CA CYS A 125 -6.64 -19.98 -13.29
C CYS A 125 -5.72 -19.41 -12.22
N ILE A 126 -4.92 -18.44 -12.63
CA ILE A 126 -3.99 -17.75 -11.75
C ILE A 126 -3.96 -16.29 -12.22
N GLY A 127 -3.41 -15.40 -11.42
CA GLY A 127 -3.35 -14.01 -11.81
C GLY A 127 -3.11 -13.11 -10.61
N GLU A 128 -2.42 -12.00 -10.84
CA GLU A 128 -2.12 -11.06 -9.77
C GLU A 128 -3.00 -9.82 -9.90
N THR A 129 -3.24 -9.16 -8.77
CA THR A 129 -4.07 -7.95 -8.74
C THR A 129 -3.18 -6.75 -9.06
N LEU A 130 -3.80 -5.59 -9.17
CA LEU A 130 -3.09 -4.35 -9.47
C LEU A 130 -2.10 -4.01 -8.37
N GLU A 131 -2.52 -4.10 -7.11
CA GLU A 131 -1.62 -3.78 -6.00
C GLU A 131 -0.44 -4.73 -6.00
N GLU A 132 -0.67 -5.98 -6.35
CA GLU A 132 0.40 -6.97 -6.39
C GLU A 132 1.38 -6.67 -7.52
N ARG A 133 0.84 -6.27 -8.67
CA ARG A 133 1.68 -5.97 -9.82
C ARG A 133 2.51 -4.71 -9.59
N GLU A 134 1.86 -3.66 -9.10
CA GLU A 134 2.52 -2.39 -8.83
C GLU A 134 3.57 -2.55 -7.75
N ALA A 135 3.37 -3.54 -6.88
CA ALA A 135 4.31 -3.80 -5.82
C ALA A 135 5.38 -4.70 -6.43
N GLY A 136 5.30 -4.87 -7.74
CA GLY A 136 6.24 -5.69 -8.45
C GLY A 136 6.20 -7.15 -8.02
N LYS A 137 5.02 -7.64 -7.67
CA LYS A 137 4.88 -9.02 -7.22
C LYS A 137 4.19 -9.96 -8.21
N THR A 138 4.12 -9.58 -9.48
CA THR A 138 3.47 -10.43 -10.46
C THR A 138 4.01 -11.85 -10.45
N GLU A 139 5.32 -12.01 -10.62
CA GLU A 139 5.91 -13.34 -10.65
C GLU A 139 5.73 -14.04 -9.32
N GLU A 140 5.96 -13.33 -8.22
CA GLU A 140 5.80 -13.90 -6.90
C GLU A 140 4.41 -14.53 -6.76
N VAL A 141 3.40 -13.78 -7.16
CA VAL A 141 2.02 -14.24 -7.07
C VAL A 141 1.67 -15.41 -7.98
N VAL A 142 1.97 -15.32 -9.27
CA VAL A 142 1.60 -16.42 -10.15
C VAL A 142 2.42 -17.67 -9.87
N PHE A 143 3.66 -17.49 -9.42
CA PHE A 143 4.51 -18.65 -9.12
C PHE A 143 3.99 -19.33 -7.85
N ARG A 144 3.46 -18.54 -6.92
CA ARG A 144 2.91 -19.10 -5.68
C ARG A 144 1.64 -19.92 -5.97
N GLN A 145 0.76 -19.35 -6.79
CA GLN A 145 -0.47 -20.04 -7.11
C GLN A 145 -0.17 -21.30 -7.90
N THR A 146 0.76 -21.21 -8.85
CA THR A 146 1.11 -22.37 -9.65
C THR A 146 1.80 -23.43 -8.79
N LYS A 147 2.69 -22.98 -7.91
CA LYS A 147 3.40 -23.89 -7.03
C LYS A 147 2.45 -24.69 -6.14
N ALA A 148 1.40 -24.05 -5.65
CA ALA A 148 0.42 -24.71 -4.80
C ALA A 148 -0.24 -25.85 -5.57
N ILE A 149 -0.68 -25.57 -6.79
CA ILE A 149 -1.32 -26.59 -7.62
C ILE A 149 -0.34 -27.70 -7.94
N ALA A 150 0.86 -27.33 -8.35
CA ALA A 150 1.89 -28.29 -8.70
C ALA A 150 2.19 -29.23 -7.55
N ALA A 151 2.03 -28.75 -6.32
CA ALA A 151 2.31 -29.55 -5.14
C ALA A 151 1.37 -30.76 -5.05
N LYS A 152 0.20 -30.67 -5.68
CA LYS A 152 -0.77 -31.76 -5.63
C LYS A 152 -1.02 -32.41 -7.00
N VAL A 153 -0.30 -31.94 -8.03
CA VAL A 153 -0.47 -32.48 -9.38
C VAL A 153 0.80 -33.18 -9.84
N ASN A 154 0.64 -34.42 -10.29
CA ASN A 154 1.76 -35.20 -10.77
C ASN A 154 1.74 -35.29 -12.30
N ASP A 155 0.54 -35.26 -12.87
CA ASP A 155 0.38 -35.33 -14.33
C ASP A 155 -0.35 -34.09 -14.83
N TRP A 156 0.29 -33.36 -15.74
CA TRP A 156 -0.28 -32.12 -16.29
C TRP A 156 -0.85 -32.27 -17.71
N SER A 157 -0.81 -33.48 -18.25
CA SER A 157 -1.31 -33.75 -19.60
C SER A 157 -2.73 -33.22 -19.84
N ASN A 158 -3.58 -33.30 -18.83
CA ASN A 158 -4.95 -32.84 -18.94
C ASN A 158 -5.22 -31.50 -18.27
N VAL A 159 -4.16 -30.73 -18.07
CA VAL A 159 -4.29 -29.42 -17.44
C VAL A 159 -3.99 -28.31 -18.45
N VAL A 160 -4.73 -27.22 -18.34
CA VAL A 160 -4.53 -26.05 -19.19
C VAL A 160 -4.50 -24.88 -18.21
N ILE A 161 -3.45 -24.07 -18.26
CA ILE A 161 -3.38 -22.94 -17.34
C ILE A 161 -3.89 -21.67 -17.99
N ALA A 162 -4.69 -20.90 -17.26
CA ALA A 162 -5.24 -19.66 -17.77
C ALA A 162 -4.73 -18.48 -16.94
N TYR A 163 -4.04 -17.54 -17.58
CA TYR A 163 -3.54 -16.37 -16.88
C TYR A 163 -4.50 -15.20 -16.94
N GLU A 164 -5.00 -14.78 -15.77
CA GLU A 164 -5.92 -13.67 -15.69
C GLU A 164 -5.24 -12.38 -15.22
N PRO A 165 -5.08 -11.39 -16.12
CA PRO A 165 -4.46 -10.13 -15.76
C PRO A 165 -5.46 -9.29 -14.95
N VAL A 166 -5.80 -9.80 -13.77
CA VAL A 166 -6.76 -9.15 -12.87
C VAL A 166 -6.46 -7.68 -12.64
N TRP A 167 -5.17 -7.33 -12.65
CA TRP A 167 -4.72 -5.95 -12.45
C TRP A 167 -5.26 -4.95 -13.48
N ALA A 168 -5.61 -5.44 -14.66
CA ALA A 168 -6.10 -4.58 -15.72
C ALA A 168 -7.51 -4.06 -15.49
N ILE A 169 -8.31 -4.83 -14.77
CA ILE A 169 -9.69 -4.45 -14.49
C ILE A 169 -9.78 -3.09 -13.80
N GLY A 170 -10.64 -2.23 -14.32
CA GLY A 170 -10.83 -0.90 -13.75
C GLY A 170 -9.72 0.07 -14.06
N THR A 171 -8.70 -0.41 -14.78
CA THR A 171 -7.54 0.38 -15.15
C THR A 171 -7.76 1.34 -16.33
N GLY A 172 -8.77 1.07 -17.13
CA GLY A 172 -9.03 1.92 -18.27
C GLY A 172 -8.38 1.35 -19.53
N LYS A 173 -7.38 0.50 -19.33
CA LYS A 173 -6.69 -0.14 -20.45
C LYS A 173 -6.32 -1.56 -20.07
N THR A 174 -6.45 -2.46 -21.05
CA THR A 174 -6.13 -3.86 -20.81
C THR A 174 -4.62 -4.03 -20.91
N ALA A 175 -4.16 -5.25 -20.67
CA ALA A 175 -2.75 -5.54 -20.77
C ALA A 175 -2.45 -5.50 -22.26
N THR A 176 -1.23 -5.12 -22.61
CA THR A 176 -0.85 -5.09 -24.01
C THR A 176 -0.47 -6.52 -24.37
N PRO A 177 -0.54 -6.87 -25.66
CA PRO A 177 -0.17 -8.23 -26.06
C PRO A 177 1.21 -8.61 -25.53
N GLN A 178 2.12 -7.64 -25.53
CA GLN A 178 3.48 -7.88 -25.04
C GLN A 178 3.51 -8.13 -23.54
N GLN A 179 2.68 -7.41 -22.79
CA GLN A 179 2.64 -7.59 -21.33
C GLN A 179 2.11 -8.99 -21.03
N ALA A 180 1.10 -9.41 -21.78
CA ALA A 180 0.53 -10.74 -21.62
C ALA A 180 1.62 -11.76 -21.89
N GLN A 181 2.24 -11.63 -23.06
CA GLN A 181 3.34 -12.52 -23.49
C GLN A 181 4.41 -12.63 -22.43
N ASP A 182 4.83 -11.50 -21.85
CA ASP A 182 5.86 -11.51 -20.82
C ASP A 182 5.51 -12.39 -19.64
N VAL A 183 4.25 -12.37 -19.23
CA VAL A 183 3.82 -13.20 -18.11
C VAL A 183 3.82 -14.69 -18.50
N HIS A 184 3.30 -14.99 -19.68
CA HIS A 184 3.24 -16.38 -20.15
C HIS A 184 4.61 -17.03 -20.25
N LYS A 185 5.58 -16.30 -20.80
CA LYS A 185 6.92 -16.82 -20.94
C LYS A 185 7.61 -17.01 -19.59
N ALA A 186 7.38 -16.10 -18.65
CA ALA A 186 8.00 -16.22 -17.33
C ALA A 186 7.41 -17.42 -16.60
N LEU A 187 6.12 -17.65 -16.81
CA LEU A 187 5.44 -18.77 -16.19
C LEU A 187 5.91 -20.09 -16.81
N ARG A 188 6.04 -20.11 -18.13
CA ARG A 188 6.47 -21.33 -18.79
C ARG A 188 7.88 -21.66 -18.31
N GLN A 189 8.69 -20.63 -18.14
CA GLN A 189 10.05 -20.79 -17.68
C GLN A 189 10.04 -21.38 -16.28
N TRP A 190 9.18 -20.84 -15.41
CA TRP A 190 9.09 -21.35 -14.04
C TRP A 190 8.70 -22.82 -14.04
N ILE A 191 7.79 -23.19 -14.93
CA ILE A 191 7.33 -24.57 -15.04
C ILE A 191 8.45 -25.49 -15.51
N CYS A 192 9.26 -25.02 -16.46
CA CYS A 192 10.35 -25.83 -16.97
C CYS A 192 11.39 -26.11 -15.88
N GLU A 193 11.74 -25.08 -15.12
CA GLU A 193 12.74 -25.20 -14.07
C GLU A 193 12.23 -25.84 -12.79
N ASN A 194 10.95 -25.65 -12.49
CA ASN A 194 10.38 -26.19 -11.27
C ASN A 194 9.56 -27.47 -11.37
N ILE A 195 9.03 -27.76 -12.56
CA ILE A 195 8.26 -28.97 -12.73
C ILE A 195 8.99 -29.93 -13.68
N ASP A 196 9.07 -29.54 -14.94
CA ASP A 196 9.74 -30.36 -15.95
C ASP A 196 9.75 -29.64 -17.29
N ALA A 197 10.90 -29.68 -17.98
CA ALA A 197 11.03 -29.02 -19.26
C ALA A 197 10.00 -29.50 -20.29
N LYS A 198 9.68 -30.79 -20.26
CA LYS A 198 8.71 -31.33 -21.20
C LYS A 198 7.32 -30.82 -20.89
N VAL A 199 6.98 -30.73 -19.60
CA VAL A 199 5.68 -30.21 -19.20
C VAL A 199 5.55 -28.75 -19.65
N GLY A 200 6.59 -27.97 -19.37
CA GLY A 200 6.58 -26.58 -19.76
C GLY A 200 6.37 -26.35 -21.24
N ASN A 201 7.00 -27.19 -22.07
CA ASN A 201 6.88 -27.06 -23.51
C ASN A 201 5.56 -27.57 -24.07
N SER A 202 4.83 -28.36 -23.29
CA SER A 202 3.57 -28.91 -23.77
C SER A 202 2.33 -28.33 -23.12
N ILE A 203 2.49 -27.67 -21.98
CA ILE A 203 1.32 -27.13 -21.29
C ILE A 203 0.80 -25.87 -21.97
N ARG A 204 -0.51 -25.85 -22.22
CA ARG A 204 -1.15 -24.70 -22.84
C ARG A 204 -1.43 -23.65 -21.79
N ILE A 205 -1.05 -22.41 -22.07
CA ILE A 205 -1.29 -21.31 -21.14
C ILE A 205 -2.20 -20.32 -21.85
N GLN A 206 -3.47 -20.25 -21.44
CA GLN A 206 -4.40 -19.34 -22.07
C GLN A 206 -4.31 -17.95 -21.47
N TYR A 207 -4.55 -16.96 -22.31
CA TYR A 207 -4.57 -15.58 -21.88
C TYR A 207 -6.00 -15.42 -21.39
N GLY A 208 -6.16 -14.96 -20.15
CA GLY A 208 -7.49 -14.82 -19.57
C GLY A 208 -7.97 -13.40 -19.37
N GLY A 209 -7.40 -12.46 -20.11
CA GLY A 209 -7.82 -11.08 -19.98
C GLY A 209 -8.91 -10.78 -20.99
N SER A 210 -9.15 -9.49 -21.22
CA SER A 210 -10.16 -9.06 -22.16
C SER A 210 -9.78 -9.47 -23.58
N VAL A 211 -10.49 -10.44 -24.12
CA VAL A 211 -10.25 -10.91 -25.48
C VAL A 211 -11.44 -10.55 -26.34
N THR A 212 -11.18 -9.89 -27.47
CA THR A 212 -12.24 -9.48 -28.39
C THR A 212 -11.82 -9.77 -29.82
N ALA A 213 -12.74 -9.51 -30.75
CA ALA A 213 -12.44 -9.75 -32.16
C ALA A 213 -11.25 -8.90 -32.60
N ALA A 214 -11.20 -7.67 -32.08
CA ALA A 214 -10.15 -6.72 -32.43
C ALA A 214 -8.73 -7.07 -31.97
N ASN A 215 -8.59 -7.68 -30.80
CA ASN A 215 -7.25 -7.99 -30.32
C ASN A 215 -6.86 -9.46 -30.33
N CYS A 216 -7.83 -10.35 -30.50
CA CYS A 216 -7.55 -11.79 -30.48
C CYS A 216 -6.42 -12.25 -31.40
N LYS A 217 -6.31 -11.69 -32.61
CA LYS A 217 -5.27 -12.13 -33.52
C LYS A 217 -3.85 -11.77 -33.08
N GLU A 218 -3.64 -10.54 -32.64
CA GLU A 218 -2.32 -10.14 -32.18
C GLU A 218 -1.98 -10.95 -30.93
N LEU A 219 -2.96 -11.09 -30.05
CA LEU A 219 -2.82 -11.84 -28.80
C LEU A 219 -2.44 -13.30 -29.12
N ALA A 220 -3.14 -13.89 -30.08
CA ALA A 220 -2.92 -15.27 -30.50
C ALA A 220 -1.57 -15.51 -31.16
N SER A 221 -0.97 -14.45 -31.69
CA SER A 221 0.33 -14.59 -32.35
C SER A 221 1.51 -14.48 -31.38
N GLN A 222 1.24 -14.33 -30.09
CA GLN A 222 2.32 -14.23 -29.12
C GLN A 222 2.88 -15.63 -28.90
N PRO A 223 4.21 -15.76 -28.93
CA PRO A 223 4.91 -17.04 -28.75
C PRO A 223 4.46 -17.94 -27.61
N ASP A 224 4.15 -17.37 -26.45
CA ASP A 224 3.76 -18.19 -25.32
C ASP A 224 2.29 -18.17 -24.92
N ILE A 225 1.44 -17.70 -25.83
CA ILE A 225 0.01 -17.69 -25.60
C ILE A 225 -0.58 -18.81 -26.47
N ASP A 226 -1.21 -19.77 -25.80
CA ASP A 226 -1.80 -20.94 -26.44
C ASP A 226 -3.32 -20.93 -26.54
N GLY A 227 -3.92 -19.76 -26.34
CA GLY A 227 -5.36 -19.69 -26.40
C GLY A 227 -5.92 -18.66 -25.46
N PHE A 228 -7.23 -18.76 -25.17
CA PHE A 228 -7.89 -17.80 -24.31
C PHE A 228 -8.97 -18.41 -23.43
N LEU A 229 -9.27 -17.71 -22.33
CA LEU A 229 -10.35 -18.08 -21.44
C LEU A 229 -11.17 -16.81 -21.59
N VAL A 230 -12.12 -16.85 -22.52
CA VAL A 230 -12.95 -15.70 -22.85
C VAL A 230 -14.07 -15.41 -21.86
N GLY A 231 -14.24 -14.14 -21.53
CA GLY A 231 -15.30 -13.73 -20.63
C GLY A 231 -16.54 -13.36 -21.41
N GLY A 232 -16.97 -12.10 -21.27
CA GLY A 232 -18.16 -11.62 -21.94
C GLY A 232 -18.36 -12.00 -23.40
N ALA A 233 -17.29 -11.97 -24.18
CA ALA A 233 -17.38 -12.31 -25.60
C ALA A 233 -17.91 -13.72 -25.86
N SER A 234 -17.71 -14.63 -24.91
CA SER A 234 -18.15 -16.01 -25.08
C SER A 234 -19.67 -16.13 -25.23
N LEU A 235 -20.39 -15.08 -24.84
CA LEU A 235 -21.84 -15.09 -24.95
C LEU A 235 -22.29 -14.59 -26.32
N LYS A 236 -21.36 -14.01 -27.08
CA LYS A 236 -21.68 -13.46 -28.39
C LYS A 236 -21.09 -14.25 -29.55
N PRO A 237 -21.53 -13.97 -30.78
CA PRO A 237 -21.05 -14.64 -32.00
C PRO A 237 -19.56 -14.41 -32.18
N GLU A 238 -19.10 -13.29 -31.62
CA GLU A 238 -17.70 -12.88 -31.68
C GLU A 238 -16.79 -13.99 -31.14
N PHE A 239 -17.36 -14.87 -30.33
CA PHE A 239 -16.61 -15.98 -29.78
C PHE A 239 -16.04 -16.82 -30.91
N VAL A 240 -16.79 -16.91 -32.02
CA VAL A 240 -16.32 -17.69 -33.16
C VAL A 240 -15.06 -17.03 -33.72
N ASP A 241 -15.06 -15.70 -33.80
CA ASP A 241 -13.90 -14.99 -34.32
C ASP A 241 -12.68 -15.25 -33.45
N ILE A 242 -12.90 -15.33 -32.14
CA ILE A 242 -11.81 -15.59 -31.22
C ILE A 242 -11.30 -17.02 -31.38
N ILE A 243 -12.20 -17.96 -31.61
CA ILE A 243 -11.81 -19.36 -31.79
C ILE A 243 -10.87 -19.45 -33.00
N ASN A 244 -11.07 -18.55 -33.96
CA ASN A 244 -10.25 -18.54 -35.17
C ASN A 244 -9.19 -17.45 -35.18
N ALA A 245 -8.74 -17.04 -33.99
CA ALA A 245 -7.71 -16.00 -33.88
C ALA A 245 -6.41 -16.36 -34.60
N ARG A 246 -6.12 -17.65 -34.72
CA ARG A 246 -4.91 -18.10 -35.40
C ARG A 246 -5.03 -18.01 -36.92
N GLN A 247 -6.26 -18.07 -37.43
CA GLN A 247 -6.50 -17.99 -38.87
C GLN A 247 -6.08 -16.63 -39.42
N ALA B 2 -53.49 -22.92 11.37
CA ALA B 2 -52.13 -23.09 11.97
C ALA B 2 -51.02 -23.04 10.92
N ARG B 3 -49.83 -23.47 11.33
CA ARG B 3 -48.67 -23.49 10.43
C ARG B 3 -48.55 -24.86 9.80
N LYS B 4 -48.57 -24.91 8.47
CA LYS B 4 -48.47 -26.19 7.77
C LYS B 4 -47.10 -26.83 7.96
N PHE B 5 -47.12 -28.10 8.36
CA PHE B 5 -45.91 -28.87 8.60
C PHE B 5 -45.08 -28.92 7.33
N VAL B 6 -43.84 -28.45 7.41
CA VAL B 6 -42.96 -28.43 6.23
C VAL B 6 -41.70 -29.25 6.46
N VAL B 7 -41.43 -30.18 5.54
CA VAL B 7 -40.25 -31.03 5.66
C VAL B 7 -39.40 -30.93 4.41
N GLY B 8 -38.15 -30.53 4.61
CA GLY B 8 -37.23 -30.38 3.49
C GLY B 8 -36.15 -31.44 3.57
N GLY B 9 -35.75 -31.92 2.41
CA GLY B 9 -34.70 -32.92 2.36
C GLY B 9 -33.48 -32.34 1.66
N ASN B 10 -32.47 -31.99 2.45
CA ASN B 10 -31.24 -31.44 1.90
C ASN B 10 -30.24 -32.55 1.57
N TRP B 11 -30.11 -32.84 0.28
CA TRP B 11 -29.20 -33.88 -0.18
C TRP B 11 -27.73 -33.47 0.00
N LYS B 12 -27.50 -32.17 0.11
CA LYS B 12 -26.14 -31.67 0.23
C LYS B 12 -25.38 -32.13 -1.01
N MET B 13 -24.06 -32.37 -0.91
CA MET B 13 -23.32 -32.80 -2.09
C MET B 13 -23.36 -34.30 -2.25
N ASN B 14 -24.51 -34.79 -2.69
CA ASN B 14 -24.73 -36.21 -2.90
C ASN B 14 -25.66 -36.45 -4.08
N GLY B 15 -25.45 -37.55 -4.78
CA GLY B 15 -26.33 -37.88 -5.88
C GLY B 15 -25.74 -38.04 -7.27
N ASP B 16 -26.46 -38.79 -8.09
CA ASP B 16 -26.14 -39.05 -9.47
C ASP B 16 -27.42 -39.62 -10.07
N LYS B 17 -27.47 -39.80 -11.38
CA LYS B 17 -28.67 -40.30 -12.04
C LYS B 17 -29.23 -41.57 -11.42
N LYS B 18 -28.37 -42.53 -11.11
CA LYS B 18 -28.83 -43.75 -10.50
C LYS B 18 -29.46 -43.47 -9.13
N GLN B 19 -28.69 -42.84 -8.25
CA GLN B 19 -29.16 -42.53 -6.89
C GLN B 19 -30.39 -41.64 -6.84
N ILE B 20 -30.49 -40.70 -7.78
CA ILE B 20 -31.64 -39.79 -7.81
C ILE B 20 -32.92 -40.52 -8.20
N ASN B 21 -32.80 -41.53 -9.05
CA ASN B 21 -33.97 -42.29 -9.48
C ASN B 21 -34.46 -43.16 -8.31
N GLU B 22 -33.52 -43.63 -7.48
CA GLU B 22 -33.87 -44.44 -6.34
C GLU B 22 -34.56 -43.57 -5.30
N ILE B 23 -34.05 -42.37 -5.07
CA ILE B 23 -34.65 -41.47 -4.10
C ILE B 23 -36.00 -40.96 -4.59
N ILE B 24 -36.12 -40.64 -5.87
CA ILE B 24 -37.40 -40.17 -6.40
C ILE B 24 -38.41 -41.32 -6.27
N GLY B 25 -37.89 -42.55 -6.27
CA GLY B 25 -38.74 -43.72 -6.10
C GLY B 25 -39.34 -43.75 -4.72
N PHE B 26 -38.52 -43.49 -3.70
CA PHE B 26 -38.98 -43.45 -2.31
C PHE B 26 -40.15 -42.48 -2.22
N LEU B 27 -39.97 -41.30 -2.77
CA LEU B 27 -40.99 -40.27 -2.75
C LEU B 27 -42.24 -40.63 -3.55
N LYS B 28 -42.06 -41.24 -4.72
CA LYS B 28 -43.20 -41.60 -5.55
C LYS B 28 -44.08 -42.72 -4.99
N SER B 29 -43.48 -43.79 -4.49
CA SER B 29 -44.27 -44.89 -3.94
C SER B 29 -44.68 -44.61 -2.51
N GLY B 30 -43.70 -44.24 -1.69
CA GLY B 30 -43.96 -43.96 -0.28
C GLY B 30 -45.22 -43.17 -0.03
N PRO B 31 -46.08 -43.64 0.89
CA PRO B 31 -47.32 -42.93 1.20
C PRO B 31 -46.98 -41.63 1.94
N LEU B 32 -47.10 -40.52 1.23
CA LEU B 32 -46.79 -39.23 1.83
C LEU B 32 -48.01 -38.47 2.35
N ASN B 33 -47.97 -38.15 3.64
CA ASN B 33 -49.02 -37.40 4.30
C ASN B 33 -49.36 -36.16 3.47
N GLN B 34 -50.64 -35.97 3.19
CA GLN B 34 -51.07 -34.82 2.39
C GLN B 34 -51.06 -33.49 3.12
N ASP B 35 -50.85 -33.51 4.42
CA ASP B 35 -50.83 -32.26 5.19
C ASP B 35 -49.41 -31.72 5.34
N THR B 36 -48.44 -32.42 4.76
CA THR B 36 -47.05 -32.00 4.83
C THR B 36 -46.52 -31.38 3.55
N GLU B 37 -45.94 -30.20 3.68
CA GLU B 37 -45.35 -29.52 2.54
C GLU B 37 -43.95 -30.14 2.43
N VAL B 38 -43.65 -30.75 1.29
CA VAL B 38 -42.34 -31.39 1.10
C VAL B 38 -41.47 -30.70 0.07
N VAL B 39 -40.20 -30.49 0.43
CA VAL B 39 -39.24 -29.84 -0.46
C VAL B 39 -37.96 -30.65 -0.46
N VAL B 40 -37.31 -30.73 -1.62
CA VAL B 40 -36.07 -31.50 -1.75
C VAL B 40 -34.95 -30.65 -2.36
N GLY B 41 -33.88 -30.42 -1.58
CA GLY B 41 -32.75 -29.62 -2.04
C GLY B 41 -31.69 -30.48 -2.72
N VAL B 42 -31.48 -30.24 -4.01
CA VAL B 42 -30.55 -31.04 -4.79
C VAL B 42 -29.40 -30.24 -5.40
N PRO B 43 -28.30 -30.94 -5.79
CA PRO B 43 -27.14 -30.29 -6.40
C PRO B 43 -27.62 -29.59 -7.68
N ALA B 44 -27.10 -28.39 -7.94
CA ALA B 44 -27.53 -27.63 -9.10
C ALA B 44 -27.50 -28.42 -10.42
N ILE B 45 -26.54 -29.32 -10.56
CA ILE B 45 -26.41 -30.14 -11.77
C ILE B 45 -27.66 -30.95 -12.10
N TYR B 46 -28.42 -31.33 -11.08
CA TYR B 46 -29.61 -32.14 -11.31
C TYR B 46 -30.90 -31.39 -10.98
N LEU B 47 -30.81 -30.07 -10.87
CA LEU B 47 -31.99 -29.28 -10.56
C LEU B 47 -33.14 -29.54 -11.50
N GLU B 48 -32.89 -29.38 -12.81
CA GLU B 48 -33.92 -29.60 -13.80
C GLU B 48 -34.35 -31.06 -13.81
N LEU B 49 -33.39 -31.97 -13.70
CA LEU B 49 -33.69 -33.39 -13.71
C LEU B 49 -34.69 -33.79 -12.61
N VAL B 50 -34.43 -33.37 -11.38
CA VAL B 50 -35.32 -33.68 -10.27
C VAL B 50 -36.70 -33.05 -10.45
N ARG B 51 -36.74 -31.79 -10.85
CA ARG B 51 -38.01 -31.10 -11.04
C ARG B 51 -38.90 -31.81 -12.04
N THR B 52 -38.32 -32.38 -13.10
CA THR B 52 -39.11 -33.08 -14.11
C THR B 52 -39.59 -34.45 -13.64
N CYS B 53 -38.86 -35.06 -12.70
CA CYS B 53 -39.23 -36.38 -12.19
C CYS B 53 -40.07 -36.35 -10.90
N VAL B 54 -39.97 -35.26 -10.16
CA VAL B 54 -40.69 -35.12 -8.90
C VAL B 54 -42.09 -34.55 -9.12
N PRO B 55 -43.10 -35.06 -8.38
CA PRO B 55 -44.48 -34.59 -8.50
C PRO B 55 -44.57 -33.08 -8.23
N ALA B 56 -45.44 -32.40 -8.96
CA ALA B 56 -45.62 -30.96 -8.80
C ALA B 56 -45.92 -30.57 -7.36
N SER B 57 -46.44 -31.52 -6.59
CA SER B 57 -46.78 -31.27 -5.19
C SER B 57 -45.53 -31.05 -4.35
N ILE B 58 -44.44 -31.73 -4.71
CA ILE B 58 -43.19 -31.59 -3.98
C ILE B 58 -42.33 -30.47 -4.59
N GLY B 59 -41.82 -29.61 -3.72
CA GLY B 59 -40.99 -28.51 -4.17
C GLY B 59 -39.55 -28.94 -4.41
N VAL B 60 -38.92 -28.34 -5.41
CA VAL B 60 -37.54 -28.66 -5.74
C VAL B 60 -36.71 -27.43 -5.45
N ALA B 61 -35.78 -27.55 -4.51
CA ALA B 61 -34.95 -26.43 -4.10
C ALA B 61 -33.50 -26.51 -4.56
N ALA B 62 -32.91 -25.36 -4.80
CA ALA B 62 -31.51 -25.28 -5.15
C ALA B 62 -30.86 -25.18 -3.78
N GLN B 63 -29.60 -25.57 -3.67
CA GLN B 63 -28.92 -25.54 -2.38
C GLN B 63 -28.24 -24.22 -2.08
N ASN B 64 -28.32 -23.29 -3.02
CA ASN B 64 -27.73 -21.96 -2.88
C ASN B 64 -27.88 -21.19 -4.18
N CYS B 65 -27.75 -19.87 -4.10
CA CYS B 65 -27.82 -19.01 -5.29
C CYS B 65 -27.17 -17.68 -4.96
N TYR B 66 -26.95 -16.85 -5.98
CA TYR B 66 -26.33 -15.56 -5.75
C TYR B 66 -27.38 -14.46 -5.62
N LYS B 67 -26.93 -13.21 -5.44
CA LYS B 67 -27.84 -12.09 -5.24
C LYS B 67 -28.24 -11.21 -6.43
N VAL B 68 -27.87 -11.59 -7.66
CA VAL B 68 -28.25 -10.83 -8.85
C VAL B 68 -28.69 -11.81 -9.93
N PRO B 69 -29.41 -11.32 -10.95
CA PRO B 69 -29.86 -12.19 -12.03
C PRO B 69 -28.76 -12.78 -12.89
N LYS B 70 -27.70 -12.00 -13.10
CA LYS B 70 -26.56 -12.43 -13.91
C LYS B 70 -25.35 -11.57 -13.61
N GLY B 71 -24.18 -12.02 -14.03
CA GLY B 71 -22.98 -11.24 -13.79
C GLY B 71 -21.66 -12.00 -13.85
N ALA B 72 -20.60 -11.31 -13.47
CA ALA B 72 -19.27 -11.89 -13.49
C ALA B 72 -19.01 -12.62 -12.18
N PHE B 73 -19.74 -13.72 -12.01
CA PHE B 73 -19.64 -14.53 -10.81
C PHE B 73 -19.55 -15.99 -11.23
N THR B 74 -18.34 -16.37 -11.64
CA THR B 74 -18.04 -17.71 -12.08
C THR B 74 -18.35 -18.71 -10.98
N GLY B 75 -19.13 -19.73 -11.33
CA GLY B 75 -19.48 -20.75 -10.37
C GLY B 75 -20.78 -20.50 -9.63
N GLU B 76 -21.40 -19.35 -9.83
CA GLU B 76 -22.65 -19.04 -9.14
C GLU B 76 -23.87 -19.19 -10.05
N ILE B 77 -25.03 -19.45 -9.45
CA ILE B 77 -26.27 -19.55 -10.19
C ILE B 77 -27.23 -18.54 -9.60
N SER B 78 -28.20 -18.10 -10.39
CA SER B 78 -29.16 -17.11 -9.90
C SER B 78 -30.59 -17.64 -9.82
N PRO B 79 -31.44 -16.94 -9.06
CA PRO B 79 -32.83 -17.38 -8.92
C PRO B 79 -33.45 -17.45 -10.32
N ALA B 80 -33.02 -16.55 -11.20
CA ALA B 80 -33.55 -16.51 -12.57
C ALA B 80 -33.29 -17.84 -13.28
N MET B 81 -32.14 -18.46 -13.00
CA MET B 81 -31.79 -19.74 -13.62
C MET B 81 -32.57 -20.86 -12.95
N ILE B 82 -32.67 -20.77 -11.63
CA ILE B 82 -33.39 -21.76 -10.84
C ILE B 82 -34.82 -21.89 -11.35
N LYS B 83 -35.46 -20.75 -11.61
CA LYS B 83 -36.83 -20.72 -12.11
C LYS B 83 -36.90 -21.17 -13.56
N ASP B 84 -35.86 -20.86 -14.33
CA ASP B 84 -35.83 -21.23 -15.74
C ASP B 84 -35.91 -22.74 -15.95
N VAL B 85 -35.52 -23.51 -14.95
CA VAL B 85 -35.61 -24.96 -15.06
C VAL B 85 -36.82 -25.47 -14.28
N GLY B 86 -37.66 -24.54 -13.83
CA GLY B 86 -38.87 -24.92 -13.12
C GLY B 86 -38.84 -25.11 -11.61
N ALA B 87 -37.66 -24.99 -11.00
CA ALA B 87 -37.57 -25.15 -9.54
C ALA B 87 -38.23 -23.94 -8.88
N ASP B 88 -38.79 -24.17 -7.69
CA ASP B 88 -39.48 -23.12 -6.96
C ASP B 88 -38.90 -22.78 -5.57
N TRP B 89 -37.83 -23.45 -5.18
CA TRP B 89 -37.23 -23.20 -3.87
C TRP B 89 -35.72 -23.03 -3.91
N VAL B 90 -35.18 -22.55 -2.80
CA VAL B 90 -33.74 -22.40 -2.65
C VAL B 90 -33.40 -22.35 -1.17
N ILE B 91 -32.40 -23.12 -0.80
CA ILE B 91 -31.93 -23.17 0.58
C ILE B 91 -30.81 -22.15 0.66
N LEU B 92 -30.90 -21.25 1.63
CA LEU B 92 -29.88 -20.21 1.77
C LEU B 92 -29.39 -20.06 3.19
N GLY B 93 -28.12 -19.70 3.35
CA GLY B 93 -27.58 -19.52 4.69
C GLY B 93 -27.30 -20.81 5.45
N HIS B 94 -27.29 -21.95 4.76
CA HIS B 94 -27.01 -23.22 5.43
C HIS B 94 -25.70 -23.05 6.21
N SER B 95 -25.61 -23.72 7.36
CA SER B 95 -24.41 -23.64 8.20
C SER B 95 -23.11 -23.99 7.49
N GLU B 96 -23.16 -24.92 6.54
CA GLU B 96 -21.97 -25.31 5.81
C GLU B 96 -21.49 -24.18 4.92
N ARG B 97 -22.42 -23.39 4.42
CA ARG B 97 -22.04 -22.27 3.58
C ARG B 97 -21.55 -21.10 4.43
N ARG B 98 -22.06 -21.00 5.65
CA ARG B 98 -21.63 -19.93 6.55
C ARG B 98 -20.26 -20.24 7.15
N GLN B 99 -20.07 -21.48 7.59
CA GLN B 99 -18.82 -21.90 8.21
C GLN B 99 -17.71 -22.38 7.28
N ILE B 100 -18.04 -23.22 6.30
CA ILE B 100 -17.02 -23.71 5.39
C ILE B 100 -16.67 -22.71 4.29
N PHE B 101 -17.69 -22.07 3.72
CA PHE B 101 -17.46 -21.12 2.63
C PHE B 101 -17.54 -19.67 3.05
N GLY B 102 -17.65 -19.44 4.35
CA GLY B 102 -17.68 -18.10 4.89
C GLY B 102 -18.69 -17.08 4.39
N GLU B 103 -19.93 -17.50 4.18
CA GLU B 103 -20.95 -16.55 3.72
C GLU B 103 -21.39 -15.72 4.94
N SER B 104 -21.45 -14.40 4.78
CA SER B 104 -21.83 -13.52 5.89
C SER B 104 -23.35 -13.36 6.06
N ASP B 105 -23.75 -12.91 7.25
CA ASP B 105 -25.17 -12.70 7.55
C ASP B 105 -25.79 -11.76 6.54
N GLU B 106 -25.06 -10.73 6.12
CA GLU B 106 -25.59 -9.79 5.14
C GLU B 106 -25.69 -10.36 3.73
N LEU B 107 -24.69 -11.13 3.29
CA LEU B 107 -24.77 -11.73 1.96
C LEU B 107 -25.99 -12.64 1.91
N ILE B 108 -26.20 -13.40 2.99
CA ILE B 108 -27.33 -14.31 3.09
C ILE B 108 -28.63 -13.53 2.96
N ALA B 109 -28.71 -12.41 3.67
CA ALA B 109 -29.89 -11.56 3.65
C ALA B 109 -30.17 -11.06 2.24
N GLU B 110 -29.13 -10.60 1.56
CA GLU B 110 -29.30 -10.09 0.19
C GLU B 110 -29.76 -11.19 -0.76
N LYS B 111 -29.26 -12.40 -0.57
CA LYS B 111 -29.64 -13.51 -1.42
C LYS B 111 -31.10 -13.86 -1.16
N VAL B 112 -31.48 -13.85 0.12
CA VAL B 112 -32.86 -14.16 0.50
C VAL B 112 -33.78 -13.11 -0.12
N CYS B 113 -33.40 -11.85 -0.01
CA CYS B 113 -34.20 -10.77 -0.58
C CYS B 113 -34.36 -10.96 -2.09
N HIS B 114 -33.25 -11.17 -2.78
CA HIS B 114 -33.26 -11.37 -4.22
C HIS B 114 -34.03 -12.62 -4.65
N ALA B 115 -33.84 -13.71 -3.92
CA ALA B 115 -34.54 -14.96 -4.24
C ALA B 115 -36.03 -14.74 -4.11
N LEU B 116 -36.46 -14.18 -2.98
CA LEU B 116 -37.88 -13.92 -2.77
C LEU B 116 -38.44 -13.02 -3.87
N GLU B 117 -37.72 -11.94 -4.18
CA GLU B 117 -38.19 -11.03 -5.21
C GLU B 117 -38.26 -11.70 -6.58
N SER B 118 -37.45 -12.72 -6.78
CA SER B 118 -37.39 -13.44 -8.05
C SER B 118 -38.48 -14.50 -8.19
N GLY B 119 -39.32 -14.64 -7.17
CA GLY B 119 -40.40 -15.60 -7.23
C GLY B 119 -40.11 -16.97 -6.67
N LEU B 120 -39.09 -17.07 -5.81
CA LEU B 120 -38.75 -18.36 -5.20
C LEU B 120 -39.16 -18.40 -3.74
N LYS B 121 -39.37 -19.61 -3.21
CA LYS B 121 -39.71 -19.77 -1.81
C LYS B 121 -38.34 -20.06 -1.18
N VAL B 122 -38.13 -19.62 0.06
CA VAL B 122 -36.82 -19.81 0.67
C VAL B 122 -36.73 -20.48 2.04
N ILE B 123 -35.76 -21.37 2.19
CA ILE B 123 -35.51 -22.00 3.48
C ILE B 123 -34.24 -21.30 3.96
N ALA B 124 -34.42 -20.30 4.82
CA ALA B 124 -33.31 -19.54 5.35
C ALA B 124 -32.78 -20.23 6.58
N CYS B 125 -31.48 -20.55 6.59
CA CYS B 125 -30.89 -21.25 7.73
C CYS B 125 -30.12 -20.34 8.68
N ILE B 126 -30.14 -20.70 9.95
CA ILE B 126 -29.46 -19.95 10.99
C ILE B 126 -29.02 -20.97 12.03
N GLY B 127 -28.19 -20.55 12.99
CA GLY B 127 -27.74 -21.47 14.01
C GLY B 127 -26.40 -21.10 14.58
N GLU B 128 -26.19 -21.41 15.86
CA GLU B 128 -24.94 -21.08 16.54
C GLU B 128 -24.01 -22.29 16.67
N THR B 129 -22.70 -22.03 16.69
CA THR B 129 -21.72 -23.09 16.84
C THR B 129 -21.59 -23.45 18.31
N LEU B 130 -20.75 -24.43 18.61
CA LEU B 130 -20.55 -24.84 20.00
C LEU B 130 -19.85 -23.73 20.77
N GLU B 131 -18.88 -23.07 20.13
CA GLU B 131 -18.14 -21.99 20.77
C GLU B 131 -19.10 -20.92 21.24
N GLU B 132 -19.99 -20.52 20.33
CA GLU B 132 -20.97 -19.49 20.63
C GLU B 132 -21.97 -19.92 21.69
N ARG B 133 -22.45 -21.15 21.59
CA ARG B 133 -23.42 -21.66 22.56
C ARG B 133 -22.79 -21.73 23.94
N GLU B 134 -21.60 -22.32 24.03
CA GLU B 134 -20.93 -22.44 25.31
C GLU B 134 -20.64 -21.06 25.90
N ALA B 135 -20.40 -20.08 25.04
CA ALA B 135 -20.12 -18.73 25.50
C ALA B 135 -21.42 -18.00 25.83
N GLY B 136 -22.53 -18.73 25.80
CA GLY B 136 -23.84 -18.15 26.12
C GLY B 136 -24.41 -17.18 25.11
N LYS B 137 -24.11 -17.39 23.83
CA LYS B 137 -24.59 -16.50 22.77
C LYS B 137 -25.61 -17.13 21.82
N THR B 138 -26.27 -18.19 22.25
CA THR B 138 -27.26 -18.84 21.38
C THR B 138 -28.28 -17.83 20.85
N GLU B 139 -28.94 -17.10 21.74
CA GLU B 139 -29.94 -16.13 21.31
C GLU B 139 -29.30 -14.99 20.54
N GLU B 140 -28.14 -14.54 21.02
CA GLU B 140 -27.42 -13.46 20.37
C GLU B 140 -27.15 -13.75 18.90
N VAL B 141 -26.68 -14.96 18.62
CA VAL B 141 -26.36 -15.36 17.25
C VAL B 141 -27.58 -15.55 16.37
N VAL B 142 -28.51 -16.39 16.78
CA VAL B 142 -29.72 -16.64 15.98
C VAL B 142 -30.53 -15.36 15.73
N PHE B 143 -30.59 -14.47 16.72
CA PHE B 143 -31.32 -13.20 16.54
C PHE B 143 -30.57 -12.30 15.58
N ARG B 144 -29.25 -12.26 15.71
CA ARG B 144 -28.43 -11.43 14.82
C ARG B 144 -28.60 -11.91 13.38
N GLN B 145 -28.46 -13.21 13.18
CA GLN B 145 -28.58 -13.77 11.83
C GLN B 145 -29.97 -13.48 11.27
N THR B 146 -30.99 -13.65 12.12
CA THR B 146 -32.36 -13.42 11.71
C THR B 146 -32.60 -11.94 11.43
N LYS B 147 -32.07 -11.08 12.29
CA LYS B 147 -32.23 -9.63 12.12
C LYS B 147 -31.67 -9.16 10.79
N ALA B 148 -30.52 -9.71 10.41
CA ALA B 148 -29.87 -9.33 9.16
C ALA B 148 -30.78 -9.64 7.97
N ILE B 149 -31.44 -10.80 8.02
CA ILE B 149 -32.34 -11.18 6.95
C ILE B 149 -33.58 -10.29 6.98
N ALA B 150 -34.07 -9.99 8.18
CA ALA B 150 -35.27 -9.16 8.33
C ALA B 150 -35.07 -7.79 7.72
N ALA B 151 -33.85 -7.27 7.82
CA ALA B 151 -33.56 -5.96 7.25
C ALA B 151 -33.76 -5.90 5.75
N LYS B 152 -33.78 -7.05 5.08
CA LYS B 152 -33.93 -7.09 3.64
C LYS B 152 -35.20 -7.80 3.16
N VAL B 153 -36.04 -8.19 4.10
CA VAL B 153 -37.28 -8.87 3.74
C VAL B 153 -38.49 -8.14 4.28
N ASN B 154 -39.46 -7.89 3.42
CA ASN B 154 -40.69 -7.20 3.82
C ASN B 154 -41.88 -8.17 3.80
N ASP B 155 -41.73 -9.26 3.06
CA ASP B 155 -42.78 -10.26 2.96
C ASP B 155 -42.22 -11.64 3.35
N TRP B 156 -42.73 -12.19 4.44
CA TRP B 156 -42.26 -13.48 4.94
C TRP B 156 -43.11 -14.66 4.50
N SER B 157 -44.14 -14.40 3.70
CA SER B 157 -45.02 -15.46 3.26
C SER B 157 -44.29 -16.65 2.64
N ASN B 158 -43.30 -16.40 1.80
CA ASN B 158 -42.58 -17.50 1.14
C ASN B 158 -41.26 -17.87 1.81
N VAL B 159 -41.12 -17.54 3.08
CA VAL B 159 -39.91 -17.85 3.80
C VAL B 159 -40.13 -18.89 4.89
N VAL B 160 -39.22 -19.85 4.97
CA VAL B 160 -39.26 -20.88 6.00
C VAL B 160 -37.90 -20.80 6.66
N ILE B 161 -37.88 -20.64 7.98
CA ILE B 161 -36.62 -20.57 8.71
C ILE B 161 -36.28 -21.95 9.26
N ALA B 162 -35.02 -22.35 9.15
CA ALA B 162 -34.58 -23.63 9.66
C ALA B 162 -33.47 -23.34 10.65
N TYR B 163 -33.61 -23.83 11.88
CA TYR B 163 -32.59 -23.63 12.89
C TYR B 163 -31.68 -24.86 12.93
N GLU B 164 -30.39 -24.63 12.78
CA GLU B 164 -29.41 -25.70 12.80
C GLU B 164 -28.62 -25.63 14.09
N PRO B 165 -28.74 -26.67 14.92
CA PRO B 165 -28.00 -26.69 16.19
C PRO B 165 -26.57 -27.14 15.87
N VAL B 166 -25.86 -26.34 15.08
CA VAL B 166 -24.50 -26.64 14.68
C VAL B 166 -23.63 -27.09 15.86
N TRP B 167 -23.94 -26.55 17.03
CA TRP B 167 -23.20 -26.88 18.25
C TRP B 167 -23.22 -28.35 18.59
N ALA B 168 -24.20 -29.08 18.07
CA ALA B 168 -24.34 -30.50 18.38
C ALA B 168 -23.44 -31.46 17.61
N ILE B 169 -22.72 -30.96 16.61
CA ILE B 169 -21.85 -31.86 15.85
C ILE B 169 -20.56 -32.16 16.59
N GLY B 170 -20.09 -33.40 16.46
CA GLY B 170 -18.86 -33.80 17.13
C GLY B 170 -18.93 -33.73 18.64
N THR B 171 -20.14 -33.59 19.18
CA THR B 171 -20.31 -33.51 20.63
C THR B 171 -20.67 -34.86 21.22
N GLY B 172 -21.10 -35.79 20.36
CA GLY B 172 -21.48 -37.11 20.83
C GLY B 172 -22.98 -37.31 20.91
N LYS B 173 -23.69 -36.30 21.40
CA LYS B 173 -25.14 -36.36 21.51
C LYS B 173 -25.74 -35.16 20.78
N THR B 174 -26.97 -35.30 20.31
CA THR B 174 -27.61 -34.21 19.60
C THR B 174 -28.34 -33.29 20.57
N ALA B 175 -29.06 -32.34 20.01
CA ALA B 175 -29.84 -31.43 20.81
C ALA B 175 -31.05 -32.25 21.24
N THR B 176 -31.51 -32.05 22.47
CA THR B 176 -32.69 -32.78 22.91
C THR B 176 -33.87 -32.01 22.34
N PRO B 177 -35.06 -32.65 22.28
CA PRO B 177 -36.25 -31.99 21.75
C PRO B 177 -36.57 -30.70 22.50
N GLN B 178 -36.38 -30.73 23.81
CA GLN B 178 -36.62 -29.55 24.64
C GLN B 178 -35.65 -28.44 24.26
N GLN B 179 -34.38 -28.78 24.13
CA GLN B 179 -33.36 -27.80 23.76
C GLN B 179 -33.70 -27.19 22.41
N ALA B 180 -34.15 -28.02 21.48
CA ALA B 180 -34.54 -27.53 20.16
C ALA B 180 -35.75 -26.59 20.34
N GLN B 181 -36.73 -27.03 21.12
CA GLN B 181 -37.95 -26.25 21.36
C GLN B 181 -37.63 -24.92 22.04
N ASP B 182 -36.68 -24.94 22.97
CA ASP B 182 -36.29 -23.71 23.66
C ASP B 182 -35.82 -22.64 22.67
N VAL B 183 -35.04 -23.05 21.68
CA VAL B 183 -34.57 -22.09 20.69
C VAL B 183 -35.71 -21.62 19.80
N HIS B 184 -36.46 -22.58 19.26
CA HIS B 184 -37.59 -22.26 18.37
C HIS B 184 -38.56 -21.26 18.99
N LYS B 185 -38.91 -21.50 20.25
CA LYS B 185 -39.83 -20.61 20.93
C LYS B 185 -39.22 -19.23 21.07
N ALA B 186 -37.98 -19.17 21.53
CA ALA B 186 -37.29 -17.90 21.72
C ALA B 186 -37.19 -17.12 20.41
N LEU B 187 -36.96 -17.82 19.31
CA LEU B 187 -36.87 -17.15 18.02
C LEU B 187 -38.25 -16.62 17.63
N ARG B 188 -39.26 -17.47 17.77
CA ARG B 188 -40.63 -17.07 17.41
C ARG B 188 -41.00 -15.80 18.17
N GLN B 189 -40.72 -15.81 19.47
CA GLN B 189 -41.01 -14.66 20.33
C GLN B 189 -40.29 -13.42 19.82
N TRP B 190 -39.02 -13.58 19.46
CA TRP B 190 -38.21 -12.47 18.95
C TRP B 190 -38.86 -11.91 17.68
N ILE B 191 -39.29 -12.80 16.79
CA ILE B 191 -39.92 -12.40 15.54
C ILE B 191 -41.21 -11.63 15.78
N CYS B 192 -42.04 -12.10 16.72
CA CYS B 192 -43.30 -11.43 17.04
C CYS B 192 -43.05 -10.05 17.61
N GLU B 193 -41.95 -9.89 18.33
CA GLU B 193 -41.61 -8.62 18.94
C GLU B 193 -40.88 -7.66 18.00
N ASN B 194 -39.93 -8.17 17.22
CA ASN B 194 -39.16 -7.33 16.33
C ASN B 194 -39.63 -7.23 14.88
N ILE B 195 -40.42 -8.19 14.41
CA ILE B 195 -40.91 -8.10 13.03
C ILE B 195 -42.42 -7.82 13.02
N ASP B 196 -43.19 -8.77 13.51
CA ASP B 196 -44.64 -8.65 13.57
C ASP B 196 -45.28 -9.86 14.27
N ALA B 197 -46.37 -9.61 14.98
CA ALA B 197 -47.10 -10.65 15.69
C ALA B 197 -47.61 -11.73 14.75
N LYS B 198 -48.30 -11.33 13.69
CA LYS B 198 -48.82 -12.28 12.71
C LYS B 198 -47.71 -13.07 12.05
N VAL B 199 -46.63 -12.39 11.68
CA VAL B 199 -45.51 -13.08 11.06
C VAL B 199 -44.99 -14.16 12.01
N GLY B 200 -44.69 -13.76 13.25
CA GLY B 200 -44.19 -14.70 14.22
C GLY B 200 -45.12 -15.90 14.37
N ASN B 201 -46.42 -15.64 14.45
CA ASN B 201 -47.38 -16.72 14.61
C ASN B 201 -47.59 -17.61 13.39
N SER B 202 -47.27 -17.12 12.20
CA SER B 202 -47.51 -17.93 11.01
C SER B 202 -46.29 -18.47 10.29
N ILE B 203 -45.11 -17.97 10.66
CA ILE B 203 -43.87 -18.39 10.00
C ILE B 203 -43.40 -19.78 10.43
N ARG B 204 -43.17 -20.67 9.47
CA ARG B 204 -42.70 -22.03 9.77
C ARG B 204 -41.20 -22.03 10.14
N ILE B 205 -40.90 -22.60 11.30
CA ILE B 205 -39.51 -22.70 11.76
C ILE B 205 -39.19 -24.19 11.84
N GLN B 206 -38.35 -24.66 10.94
CA GLN B 206 -37.96 -26.06 10.89
C GLN B 206 -36.77 -26.31 11.80
N TYR B 207 -36.63 -27.55 12.25
CA TYR B 207 -35.49 -27.93 13.07
C TYR B 207 -34.53 -28.56 12.07
N GLY B 208 -33.32 -28.04 11.99
CA GLY B 208 -32.35 -28.55 11.05
C GLY B 208 -31.23 -29.35 11.68
N GLY B 209 -31.53 -29.99 12.81
CA GLY B 209 -30.54 -30.81 13.48
C GLY B 209 -30.67 -32.24 13.01
N SER B 210 -30.13 -33.18 13.77
CA SER B 210 -30.20 -34.58 13.41
C SER B 210 -31.64 -35.04 13.51
N VAL B 211 -32.22 -35.43 12.37
CA VAL B 211 -33.59 -35.89 12.32
C VAL B 211 -33.61 -37.27 11.72
N THR B 212 -34.04 -38.24 12.51
CA THR B 212 -34.10 -39.63 12.06
C THR B 212 -35.52 -40.13 12.30
N ALA B 213 -35.78 -41.38 11.91
CA ALA B 213 -37.10 -41.95 12.09
C ALA B 213 -37.34 -42.22 13.56
N ALA B 214 -36.26 -42.36 14.32
CA ALA B 214 -36.37 -42.65 15.75
C ALA B 214 -36.67 -41.44 16.61
N ASN B 215 -36.34 -40.25 16.13
CA ASN B 215 -36.58 -39.05 16.92
C ASN B 215 -37.49 -38.02 16.27
N CYS B 216 -38.02 -38.30 15.08
CA CYS B 216 -38.86 -37.31 14.44
C CYS B 216 -40.17 -37.03 15.14
N LYS B 217 -40.86 -38.07 15.59
CA LYS B 217 -42.12 -37.87 16.28
C LYS B 217 -42.02 -36.98 17.51
N GLU B 218 -41.09 -37.27 18.42
CA GLU B 218 -40.97 -36.43 19.60
C GLU B 218 -40.59 -34.99 19.22
N LEU B 219 -39.73 -34.83 18.23
CA LEU B 219 -39.33 -33.49 17.80
C LEU B 219 -40.52 -32.72 17.21
N ALA B 220 -41.23 -33.35 16.28
CA ALA B 220 -42.39 -32.73 15.64
C ALA B 220 -43.52 -32.46 16.64
N SER B 221 -43.41 -33.02 17.83
CA SER B 221 -44.41 -32.81 18.87
C SER B 221 -44.17 -31.49 19.60
N GLN B 222 -42.94 -30.97 19.50
CA GLN B 222 -42.59 -29.72 20.14
C GLN B 222 -43.47 -28.60 19.61
N PRO B 223 -44.01 -27.76 20.50
CA PRO B 223 -44.89 -26.64 20.17
C PRO B 223 -44.44 -25.66 19.10
N ASP B 224 -43.14 -25.37 19.03
CA ASP B 224 -42.69 -24.40 18.05
C ASP B 224 -41.85 -24.93 16.88
N ILE B 225 -41.82 -26.25 16.74
CA ILE B 225 -41.09 -26.87 15.62
C ILE B 225 -42.14 -27.18 14.55
N ASP B 226 -42.01 -26.54 13.37
CA ASP B 226 -42.96 -26.70 12.28
C ASP B 226 -42.55 -27.63 11.17
N GLY B 227 -41.47 -28.38 11.39
CA GLY B 227 -41.01 -29.31 10.38
C GLY B 227 -39.53 -29.56 10.54
N PHE B 228 -38.89 -30.02 9.46
CA PHE B 228 -37.47 -30.31 9.52
C PHE B 228 -36.76 -30.01 8.21
N LEU B 229 -35.47 -29.69 8.32
CA LEU B 229 -34.63 -29.52 7.15
C LEU B 229 -33.79 -30.76 7.42
N VAL B 230 -34.04 -31.82 6.67
CA VAL B 230 -33.34 -33.07 6.89
C VAL B 230 -32.05 -33.24 6.11
N GLY B 231 -31.06 -33.83 6.76
CA GLY B 231 -29.78 -34.06 6.12
C GLY B 231 -29.67 -35.46 5.57
N GLY B 232 -28.77 -36.25 6.17
CA GLY B 232 -28.52 -37.61 5.74
C GLY B 232 -29.71 -38.50 5.44
N ALA B 233 -30.72 -38.46 6.31
CA ALA B 233 -31.90 -39.29 6.13
C ALA B 233 -32.68 -38.99 4.85
N SER B 234 -32.45 -37.83 4.26
CA SER B 234 -33.18 -37.47 3.05
C SER B 234 -32.75 -38.26 1.80
N LEU B 235 -31.71 -39.08 1.94
CA LEU B 235 -31.23 -39.89 0.82
C LEU B 235 -31.73 -41.33 0.96
N LYS B 236 -32.50 -41.59 2.01
CA LYS B 236 -33.01 -42.94 2.27
C LYS B 236 -34.53 -43.02 2.44
N PRO B 237 -35.10 -44.24 2.38
CA PRO B 237 -36.54 -44.42 2.55
C PRO B 237 -37.01 -43.77 3.84
N GLU B 238 -36.12 -43.74 4.82
CA GLU B 238 -36.41 -43.14 6.11
C GLU B 238 -37.01 -41.73 5.98
N PHE B 239 -36.72 -41.04 4.88
CA PHE B 239 -37.24 -39.71 4.67
C PHE B 239 -38.77 -39.69 4.76
N VAL B 240 -39.40 -40.73 4.22
CA VAL B 240 -40.86 -40.82 4.25
C VAL B 240 -41.38 -40.82 5.69
N ASP B 241 -40.79 -41.66 6.54
CA ASP B 241 -41.22 -41.70 7.93
C ASP B 241 -41.10 -40.32 8.56
N ILE B 242 -40.05 -39.60 8.20
CA ILE B 242 -39.84 -38.27 8.75
C ILE B 242 -40.96 -37.35 8.29
N ILE B 243 -41.31 -37.46 7.02
CA ILE B 243 -42.36 -36.65 6.41
C ILE B 243 -43.69 -36.93 7.10
N ASN B 244 -43.87 -38.17 7.56
CA ASN B 244 -45.09 -38.57 8.24
C ASN B 244 -44.96 -38.53 9.75
N ALA B 245 -44.05 -37.70 10.23
CA ALA B 245 -43.82 -37.57 11.67
C ALA B 245 -45.07 -37.20 12.46
N ARG B 246 -45.98 -36.44 11.84
CA ARG B 246 -47.20 -36.00 12.53
C ARG B 246 -48.45 -36.86 12.35
N GLN B 247 -48.34 -37.97 11.62
CA GLN B 247 -49.49 -38.85 11.42
C GLN B 247 -49.69 -39.82 12.58
N LEU B 248 -50.94 -39.94 13.04
CA LEU B 248 -51.25 -40.79 14.17
C LEU B 248 -50.98 -42.28 13.92
N VAL B 249 -51.23 -42.75 12.71
CA VAL B 249 -50.99 -44.16 12.37
C VAL B 249 -50.25 -44.31 11.05
N ALA C 2 -13.71 15.95 7.52
CA ALA C 2 -12.75 15.26 8.42
C ALA C 2 -11.31 15.66 8.07
N ARG C 3 -10.40 15.46 9.02
CA ARG C 3 -9.00 15.79 8.81
C ARG C 3 -8.28 14.68 8.05
N LYS C 4 -7.66 15.03 6.93
CA LYS C 4 -6.95 14.02 6.16
C LYS C 4 -5.70 13.55 6.87
N PHE C 5 -5.57 12.23 7.01
CA PHE C 5 -4.43 11.60 7.67
C PHE C 5 -3.15 11.97 6.93
N VAL C 6 -2.17 12.48 7.67
CA VAL C 6 -0.90 12.89 7.05
C VAL C 6 0.28 12.19 7.67
N VAL C 7 1.07 11.52 6.84
CA VAL C 7 2.25 10.81 7.31
C VAL C 7 3.50 11.34 6.65
N GLY C 8 4.36 11.93 7.47
CA GLY C 8 5.61 12.47 6.97
C GLY C 8 6.75 11.54 7.35
N GLY C 9 7.73 11.44 6.46
CA GLY C 9 8.88 10.60 6.71
C GLY C 9 10.09 11.50 6.80
N ASN C 10 10.60 11.69 8.01
CA ASN C 10 11.78 12.52 8.20
C ASN C 10 13.01 11.61 8.19
N TRP C 11 13.74 11.63 7.07
CA TRP C 11 14.94 10.81 6.89
C TRP C 11 16.10 11.30 7.74
N LYS C 12 16.02 12.54 8.19
CA LYS C 12 17.10 13.15 8.98
C LYS C 12 18.37 13.14 8.14
N MET C 13 19.54 13.09 8.77
CA MET C 13 20.79 13.07 8.00
C MET C 13 21.14 11.65 7.59
N ASN C 14 20.43 11.13 6.60
CA ASN C 14 20.64 9.78 6.10
C ASN C 14 20.34 9.75 4.61
N GLY C 15 21.02 8.85 3.91
CA GLY C 15 20.78 8.71 2.49
C GLY C 15 21.91 8.97 1.52
N ASP C 16 21.75 8.39 0.34
CA ASP C 16 22.67 8.52 -0.78
C ASP C 16 21.87 8.01 -1.97
N LYS C 17 22.37 8.24 -3.18
CA LYS C 17 21.68 7.82 -4.39
C LYS C 17 21.11 6.40 -4.30
N LYS C 18 21.96 5.45 -3.93
CA LYS C 18 21.56 4.05 -3.81
C LYS C 18 20.42 3.87 -2.83
N GLN C 19 20.66 4.30 -1.59
CA GLN C 19 19.66 4.19 -0.54
C GLN C 19 18.36 4.88 -0.91
N ILE C 20 18.45 6.00 -1.62
CA ILE C 20 17.24 6.74 -2.03
C ILE C 20 16.43 5.94 -3.05
N ASN C 21 17.13 5.20 -3.91
CA ASN C 21 16.44 4.38 -4.92
C ASN C 21 15.71 3.26 -4.22
N GLU C 22 16.26 2.81 -3.10
CA GLU C 22 15.65 1.73 -2.33
C GLU C 22 14.37 2.24 -1.67
N ILE C 23 14.52 3.37 -0.98
CA ILE C 23 13.41 3.99 -0.27
C ILE C 23 12.27 4.42 -1.18
N ILE C 24 12.59 4.94 -2.36
CA ILE C 24 11.54 5.37 -3.29
C ILE C 24 10.93 4.13 -3.92
N GLY C 25 11.66 3.02 -3.83
CA GLY C 25 11.17 1.77 -4.36
C GLY C 25 10.03 1.31 -3.50
N PHE C 26 10.14 1.58 -2.20
CA PHE C 26 9.12 1.20 -1.23
C PHE C 26 7.82 1.91 -1.55
N LEU C 27 7.87 3.24 -1.65
CA LEU C 27 6.68 4.04 -1.94
C LEU C 27 5.99 3.63 -3.24
N LYS C 28 6.74 3.60 -4.33
CA LYS C 28 6.18 3.22 -5.62
C LYS C 28 5.60 1.81 -5.56
N SER C 29 6.35 0.90 -4.93
CA SER C 29 5.94 -0.49 -4.79
C SER C 29 4.78 -0.73 -3.83
N GLY C 30 5.12 -0.80 -2.53
CA GLY C 30 4.12 -1.03 -1.50
C GLY C 30 2.78 -0.37 -1.76
N PRO C 31 1.68 -0.99 -1.31
CA PRO C 31 0.34 -0.43 -1.50
C PRO C 31 0.13 0.77 -0.59
N LEU C 32 -0.22 1.91 -1.17
CA LEU C 32 -0.43 3.11 -0.38
C LEU C 32 -1.91 3.44 -0.18
N ASN C 33 -2.27 3.74 1.06
CA ASN C 33 -3.62 4.09 1.43
C ASN C 33 -4.05 5.31 0.62
N GLN C 34 -5.23 5.25 0.01
CA GLN C 34 -5.75 6.35 -0.80
C GLN C 34 -6.10 7.59 0.01
N ASP C 35 -6.38 7.41 1.29
CA ASP C 35 -6.75 8.51 2.17
C ASP C 35 -5.64 9.02 3.06
N THR C 36 -4.40 8.86 2.62
CA THR C 36 -3.27 9.31 3.40
C THR C 36 -2.39 10.26 2.58
N GLU C 37 -2.15 11.45 3.12
CA GLU C 37 -1.29 12.41 2.45
C GLU C 37 0.11 12.08 2.95
N VAL C 38 0.99 11.73 2.01
CA VAL C 38 2.35 11.35 2.34
C VAL C 38 3.38 12.42 1.95
N VAL C 39 4.30 12.67 2.88
CA VAL C 39 5.36 13.65 2.69
C VAL C 39 6.69 13.01 3.09
N VAL C 40 7.73 13.25 2.32
CA VAL C 40 9.03 12.70 2.63
C VAL C 40 10.04 13.83 2.82
N GLY C 41 10.69 13.87 3.98
CA GLY C 41 11.68 14.90 4.31
C GLY C 41 13.09 14.41 4.01
N VAL C 42 13.72 15.00 3.01
CA VAL C 42 15.04 14.55 2.59
C VAL C 42 16.15 15.61 2.71
N PRO C 43 17.42 15.17 2.78
CA PRO C 43 18.54 16.13 2.90
C PRO C 43 18.58 17.03 1.65
N ALA C 44 18.86 18.31 1.86
CA ALA C 44 18.91 19.30 0.79
C ALA C 44 19.61 18.85 -0.49
N ILE C 45 20.76 18.19 -0.35
CA ILE C 45 21.53 17.72 -1.50
C ILE C 45 20.75 16.79 -2.42
N TYR C 46 19.71 16.15 -1.90
CA TYR C 46 18.91 15.21 -2.68
C TYR C 46 17.48 15.66 -2.99
N LEU C 47 17.14 16.89 -2.58
CA LEU C 47 15.79 17.42 -2.80
C LEU C 47 15.29 17.30 -4.24
N GLU C 48 16.03 17.85 -5.20
CA GLU C 48 15.61 17.78 -6.59
C GLU C 48 15.52 16.34 -7.09
N LEU C 49 16.56 15.55 -6.81
CA LEU C 49 16.60 14.16 -7.22
C LEU C 49 15.37 13.42 -6.72
N VAL C 50 15.10 13.52 -5.41
CA VAL C 50 13.95 12.85 -4.82
C VAL C 50 12.64 13.35 -5.41
N ARG C 51 12.53 14.66 -5.58
CA ARG C 51 11.33 15.27 -6.13
C ARG C 51 11.02 14.78 -7.55
N THR C 52 12.05 14.36 -8.27
CA THR C 52 11.85 13.88 -9.64
C THR C 52 11.48 12.41 -9.66
N CYS C 53 12.03 11.64 -8.72
CA CYS C 53 11.78 10.20 -8.65
C CYS C 53 10.51 9.82 -7.89
N VAL C 54 9.93 10.77 -7.17
CA VAL C 54 8.72 10.50 -6.39
C VAL C 54 7.45 11.04 -7.05
N PRO C 55 6.37 10.25 -7.05
CA PRO C 55 5.08 10.64 -7.65
C PRO C 55 4.61 12.02 -7.21
N ALA C 56 3.97 12.75 -8.12
CA ALA C 56 3.48 14.09 -7.82
C ALA C 56 2.51 14.08 -6.65
N SER C 57 1.90 12.94 -6.38
CA SER C 57 0.95 12.82 -5.29
C SER C 57 1.64 12.87 -3.93
N ILE C 58 2.90 12.45 -3.89
CA ILE C 58 3.65 12.45 -2.65
C ILE C 58 4.45 13.74 -2.46
N GLY C 59 4.29 14.36 -1.31
CA GLY C 59 5.02 15.59 -1.04
C GLY C 59 6.49 15.35 -0.78
N VAL C 60 7.32 16.34 -1.08
CA VAL C 60 8.76 16.25 -0.86
C VAL C 60 9.12 17.46 -0.01
N ALA C 61 9.72 17.21 1.15
CA ALA C 61 10.06 18.28 2.06
C ALA C 61 11.53 18.49 2.34
N ALA C 62 11.90 19.75 2.54
CA ALA C 62 13.26 20.08 2.91
C ALA C 62 13.20 19.85 4.42
N GLN C 63 14.34 19.63 5.04
CA GLN C 63 14.37 19.37 6.46
C GLN C 63 14.60 20.65 7.25
N ASN C 64 14.71 21.77 6.53
CA ASN C 64 14.94 23.05 7.15
C ASN C 64 15.12 24.12 6.08
N CYS C 65 14.99 25.38 6.47
CA CYS C 65 15.18 26.48 5.56
C CYS C 65 15.36 27.75 6.38
N TYR C 66 15.71 28.85 5.74
CA TYR C 66 15.90 30.09 6.48
C TYR C 66 14.70 31.01 6.31
N LYS C 67 14.77 32.21 6.89
CA LYS C 67 13.66 33.15 6.85
C LYS C 67 13.60 34.23 5.77
N VAL C 68 14.58 34.27 4.87
CA VAL C 68 14.57 35.25 3.77
C VAL C 68 14.87 34.50 2.47
N PRO C 69 14.55 35.09 1.31
CA PRO C 69 14.80 34.45 0.01
C PRO C 69 16.25 34.20 -0.32
N LYS C 70 17.11 35.16 0.03
CA LYS C 70 18.53 35.08 -0.25
C LYS C 70 19.27 36.01 0.70
N GLY C 71 20.56 35.80 0.85
CA GLY C 71 21.33 36.66 1.73
C GLY C 71 22.66 36.07 2.16
N ALA C 72 23.38 36.82 2.97
CA ALA C 72 24.68 36.41 3.48
C ALA C 72 24.48 35.44 4.62
N PHE C 73 24.04 34.24 4.26
CA PHE C 73 23.78 33.19 5.25
C PHE C 73 24.37 31.90 4.74
N THR C 74 25.69 31.82 4.81
CA THR C 74 26.42 30.65 4.37
C THR C 74 25.88 29.39 5.01
N GLY C 75 25.59 28.39 4.19
CA GLY C 75 25.08 27.13 4.68
C GLY C 75 23.59 27.00 4.82
N GLU C 76 22.83 28.04 4.46
CA GLU C 76 21.38 28.00 4.56
C GLU C 76 20.74 27.96 3.18
N ILE C 77 19.48 27.54 3.14
CA ILE C 77 18.73 27.51 1.89
C ILE C 77 17.39 28.18 2.18
N SER C 78 16.73 28.66 1.14
CA SER C 78 15.47 29.35 1.34
C SER C 78 14.32 28.66 0.64
N PRO C 79 13.08 29.06 0.97
CA PRO C 79 11.87 28.50 0.38
C PRO C 79 11.90 28.63 -1.14
N ALA C 80 12.43 29.75 -1.63
CA ALA C 80 12.54 30.02 -3.06
C ALA C 80 13.38 28.94 -3.73
N MET C 81 14.47 28.55 -3.08
CA MET C 81 15.33 27.49 -3.63
C MET C 81 14.59 26.16 -3.61
N ILE C 82 13.92 25.88 -2.50
CA ILE C 82 13.15 24.65 -2.34
C ILE C 82 12.09 24.54 -3.45
N LYS C 83 11.41 25.65 -3.72
CA LYS C 83 10.39 25.68 -4.76
C LYS C 83 11.03 25.60 -6.13
N ASP C 84 12.24 26.15 -6.23
CA ASP C 84 12.98 26.17 -7.48
C ASP C 84 13.27 24.78 -8.01
N VAL C 85 13.43 23.80 -7.12
CA VAL C 85 13.69 22.43 -7.55
C VAL C 85 12.41 21.60 -7.57
N GLY C 86 11.28 22.22 -7.26
CA GLY C 86 10.02 21.50 -7.27
C GLY C 86 9.48 21.05 -5.91
N ALA C 87 10.34 21.02 -4.88
CA ALA C 87 9.88 20.60 -3.55
C ALA C 87 8.73 21.52 -3.12
N ASP C 88 7.76 20.94 -2.41
CA ASP C 88 6.59 21.68 -1.97
C ASP C 88 6.37 21.71 -0.45
N TRP C 89 7.25 21.04 0.31
CA TRP C 89 7.12 21.01 1.76
C TRP C 89 8.42 21.35 2.47
N VAL C 90 8.33 21.67 3.75
CA VAL C 90 9.52 21.96 4.55
C VAL C 90 9.23 21.64 6.01
N ILE C 91 10.14 20.95 6.66
CA ILE C 91 9.99 20.61 8.07
C ILE C 91 10.69 21.71 8.86
N LEU C 92 10.00 22.28 9.84
CA LEU C 92 10.59 23.35 10.63
C LEU C 92 10.38 23.19 12.13
N GLY C 93 11.38 23.61 12.89
CA GLY C 93 11.29 23.54 14.34
C GLY C 93 11.58 22.17 14.91
N HIS C 94 12.06 21.24 14.09
CA HIS C 94 12.34 19.91 14.61
C HIS C 94 13.17 20.02 15.89
N SER C 95 12.92 19.11 16.84
CA SER C 95 13.63 19.13 18.13
C SER C 95 15.14 19.05 18.04
N GLU C 96 15.66 18.40 17.00
CA GLU C 96 17.11 18.30 16.85
C GLU C 96 17.68 19.68 16.50
N ARG C 97 16.89 20.47 15.76
CA ARG C 97 17.30 21.81 15.39
C ARG C 97 17.11 22.78 16.54
N ARG C 98 16.07 22.57 17.33
CA ARG C 98 15.82 23.43 18.48
C ARG C 98 16.87 23.22 19.57
N GLN C 99 17.22 21.97 19.82
CA GLN C 99 18.16 21.61 20.88
C GLN C 99 19.63 21.46 20.53
N ILE C 100 19.93 20.76 19.44
CA ILE C 100 21.32 20.59 19.07
C ILE C 100 21.85 21.85 18.41
N PHE C 101 21.03 22.47 17.56
CA PHE C 101 21.46 23.67 16.85
C PHE C 101 20.89 24.98 17.40
N GLY C 102 20.26 24.88 18.58
CA GLY C 102 19.70 26.03 19.26
C GLY C 102 18.79 27.03 18.57
N GLU C 103 17.92 26.59 17.67
CA GLU C 103 17.00 27.50 17.02
C GLU C 103 15.89 27.84 18.01
N SER C 104 15.61 29.14 18.18
CA SER C 104 14.59 29.59 19.11
C SER C 104 13.16 29.56 18.56
N ASP C 105 12.18 29.71 19.46
CA ASP C 105 10.77 29.71 19.09
C ASP C 105 10.54 30.80 18.06
N GLU C 106 11.09 31.97 18.33
CA GLU C 106 10.96 33.12 17.46
C GLU C 106 11.50 32.85 16.05
N LEU C 107 12.73 32.36 15.95
CA LEU C 107 13.32 32.05 14.65
C LEU C 107 12.46 31.06 13.87
N ILE C 108 12.03 30.00 14.56
CA ILE C 108 11.18 28.96 13.96
C ILE C 108 9.90 29.61 13.41
N ALA C 109 9.35 30.52 14.19
CA ALA C 109 8.13 31.23 13.82
C ALA C 109 8.35 32.02 12.54
N GLU C 110 9.45 32.76 12.49
CA GLU C 110 9.78 33.58 11.33
C GLU C 110 9.97 32.70 10.10
N LYS C 111 10.58 31.53 10.31
CA LYS C 111 10.83 30.58 9.23
C LYS C 111 9.52 30.01 8.69
N VAL C 112 8.62 29.65 9.60
CA VAL C 112 7.33 29.10 9.21
C VAL C 112 6.60 30.15 8.39
N CYS C 113 6.54 31.36 8.92
CA CYS C 113 5.87 32.47 8.24
C CYS C 113 6.38 32.66 6.82
N HIS C 114 7.70 32.73 6.67
CA HIS C 114 8.29 32.94 5.35
C HIS C 114 8.02 31.76 4.41
N ALA C 115 8.11 30.54 4.93
CA ALA C 115 7.88 29.36 4.10
C ALA C 115 6.46 29.37 3.54
N LEU C 116 5.49 29.64 4.40
CA LEU C 116 4.09 29.69 3.97
C LEU C 116 3.87 30.80 2.95
N GLU C 117 4.34 32.01 3.26
CA GLU C 117 4.17 33.12 2.32
C GLU C 117 4.87 32.87 1.00
N SER C 118 5.90 32.01 1.02
CA SER C 118 6.66 31.69 -0.18
C SER C 118 6.03 30.56 -1.00
N GLY C 119 4.94 30.00 -0.51
CA GLY C 119 4.27 28.93 -1.23
C GLY C 119 4.56 27.51 -0.76
N LEU C 120 5.17 27.37 0.40
CA LEU C 120 5.48 26.04 0.93
C LEU C 120 4.49 25.55 1.97
N LYS C 121 4.28 24.23 2.00
CA LYS C 121 3.41 23.61 2.99
C LYS C 121 4.39 23.32 4.12
N VAL C 122 3.99 23.54 5.37
CA VAL C 122 4.90 23.34 6.49
C VAL C 122 4.49 22.35 7.55
N ILE C 123 5.50 21.68 8.09
CA ILE C 123 5.31 20.74 9.18
C ILE C 123 6.15 21.38 10.28
N ALA C 124 5.48 22.07 11.20
CA ALA C 124 6.16 22.73 12.30
C ALA C 124 6.14 21.81 13.51
N CYS C 125 7.31 21.60 14.10
CA CYS C 125 7.44 20.71 15.24
C CYS C 125 7.53 21.44 16.56
N ILE C 126 7.01 20.79 17.59
CA ILE C 126 7.02 21.31 18.95
C ILE C 126 7.18 20.09 19.86
N GLY C 127 7.47 20.32 21.13
CA GLY C 127 7.64 19.21 22.04
C GLY C 127 8.44 19.62 23.27
N GLU C 128 8.12 19.01 24.41
CA GLU C 128 8.80 19.31 25.66
C GLU C 128 9.79 18.21 26.02
N THR C 129 10.84 18.57 26.76
CA THR C 129 11.86 17.63 27.19
C THR C 129 11.38 16.92 28.46
N LEU C 130 12.17 15.97 28.93
CA LEU C 130 11.85 15.21 30.13
C LEU C 130 11.81 16.12 31.36
N GLU C 131 12.81 16.98 31.49
CA GLU C 131 12.85 17.89 32.64
C GLU C 131 11.65 18.81 32.63
N GLU C 132 11.22 19.22 31.45
CA GLU C 132 10.07 20.11 31.34
C GLU C 132 8.78 19.38 31.70
N ARG C 133 8.67 18.12 31.26
CA ARG C 133 7.48 17.33 31.54
C ARG C 133 7.37 17.00 33.03
N GLU C 134 8.48 16.54 33.60
CA GLU C 134 8.54 16.16 35.01
C GLU C 134 8.29 17.37 35.90
N ALA C 135 8.62 18.55 35.37
CA ALA C 135 8.41 19.78 36.11
C ALA C 135 6.96 20.19 35.85
N GLY C 136 6.24 19.29 35.18
CA GLY C 136 4.84 19.54 34.86
C GLY C 136 4.67 20.72 33.92
N LYS C 137 5.62 20.92 33.01
CA LYS C 137 5.54 22.04 32.09
C LYS C 137 5.22 21.67 30.64
N THR C 138 4.67 20.48 30.42
CA THR C 138 4.34 20.07 29.06
C THR C 138 3.49 21.10 28.32
N GLU C 139 2.34 21.44 28.89
CA GLU C 139 1.46 22.41 28.25
C GLU C 139 2.12 23.76 28.12
N GLU C 140 2.79 24.21 29.18
CA GLU C 140 3.47 25.50 29.13
C GLU C 140 4.41 25.56 27.94
N VAL C 141 5.20 24.51 27.77
CA VAL C 141 6.17 24.45 26.67
C VAL C 141 5.55 24.37 25.28
N VAL C 142 4.64 23.43 25.04
CA VAL C 142 4.07 23.34 23.70
C VAL C 142 3.19 24.54 23.35
N PHE C 143 2.54 25.13 24.36
CA PHE C 143 1.71 26.31 24.11
C PHE C 143 2.60 27.51 23.77
N ARG C 144 3.78 27.57 24.38
CA ARG C 144 4.71 28.66 24.13
C ARG C 144 5.27 28.56 22.71
N GLN C 145 5.65 27.35 22.31
CA GLN C 145 6.20 27.15 20.98
C GLN C 145 5.13 27.43 19.93
N THR C 146 3.92 26.93 20.18
CA THR C 146 2.83 27.15 19.25
C THR C 146 2.45 28.63 19.18
N LYS C 147 2.42 29.28 20.33
CA LYS C 147 2.08 30.69 20.41
C LYS C 147 3.04 31.55 19.60
N ALA C 148 4.32 31.21 19.64
CA ALA C 148 5.33 31.96 18.91
C ALA C 148 5.05 31.86 17.41
N ILE C 149 4.77 30.66 16.93
CA ILE C 149 4.48 30.46 15.52
C ILE C 149 3.19 31.19 15.14
N ALA C 150 2.16 31.01 15.96
CA ALA C 150 0.88 31.65 15.70
C ALA C 150 1.01 33.17 15.60
N ALA C 151 1.98 33.73 16.31
CA ALA C 151 2.18 35.16 16.31
C ALA C 151 2.57 35.69 14.92
N LYS C 152 3.13 34.81 14.09
CA LYS C 152 3.54 35.21 12.75
C LYS C 152 2.76 34.52 11.64
N VAL C 153 1.79 33.69 12.01
CA VAL C 153 0.98 32.98 11.02
C VAL C 153 -0.46 33.43 11.05
N ASN C 154 -0.99 33.77 9.89
CA ASN C 154 -2.37 34.22 9.79
C ASN C 154 -3.23 33.14 9.17
N ASP C 155 -2.64 32.34 8.29
CA ASP C 155 -3.35 31.26 7.62
C ASP C 155 -2.67 29.92 7.93
N TRP C 156 -3.45 28.99 8.49
CA TRP C 156 -2.94 27.67 8.87
C TRP C 156 -3.34 26.55 7.91
N SER C 157 -4.06 26.89 6.85
CA SER C 157 -4.50 25.90 5.88
C SER C 157 -3.40 24.98 5.36
N ASN C 158 -2.20 25.52 5.19
CA ASN C 158 -1.08 24.74 4.69
C ASN C 158 -0.07 24.37 5.76
N VAL C 159 -0.52 24.37 7.01
CA VAL C 159 0.34 24.02 8.14
C VAL C 159 -0.10 22.70 8.74
N VAL C 160 0.86 21.89 9.17
CA VAL C 160 0.61 20.62 9.83
C VAL C 160 1.50 20.67 11.06
N ILE C 161 0.94 20.44 12.25
CA ILE C 161 1.75 20.47 13.45
C ILE C 161 2.19 19.06 13.84
N ALA C 162 3.46 18.91 14.21
CA ALA C 162 3.97 17.61 14.63
C ALA C 162 4.44 17.69 16.08
N TYR C 163 3.86 16.84 16.94
CA TYR C 163 4.23 16.81 18.35
C TYR C 163 5.29 15.76 18.64
N GLU C 164 6.45 16.23 19.08
CA GLU C 164 7.56 15.35 19.40
C GLU C 164 7.71 15.13 20.91
N PRO C 165 7.39 13.91 21.39
CA PRO C 165 7.52 13.61 22.82
C PRO C 165 9.01 13.42 23.15
N VAL C 166 9.78 14.49 23.01
CA VAL C 166 11.22 14.48 23.27
C VAL C 166 11.58 13.86 24.61
N TRP C 167 10.69 14.02 25.59
CA TRP C 167 10.90 13.48 26.93
C TRP C 167 11.05 11.96 26.99
N ALA C 168 10.49 11.27 26.00
CA ALA C 168 10.55 9.81 25.96
C ALA C 168 11.92 9.27 25.62
N ILE C 169 12.71 10.02 24.85
CA ILE C 169 14.04 9.59 24.45
C ILE C 169 14.93 9.26 25.64
N GLY C 170 15.56 8.09 25.59
CA GLY C 170 16.45 7.67 26.67
C GLY C 170 15.72 7.18 27.90
N THR C 171 14.40 7.23 27.85
CA THR C 171 13.54 6.82 28.97
C THR C 171 13.35 5.31 29.12
N GLY C 172 13.59 4.58 28.05
CA GLY C 172 13.41 3.14 28.11
C GLY C 172 12.04 2.75 27.62
N LYS C 173 11.11 3.70 27.63
CA LYS C 173 9.76 3.46 27.16
C LYS C 173 9.23 4.71 26.46
N THR C 174 8.50 4.49 25.37
CA THR C 174 7.95 5.60 24.61
C THR C 174 6.69 6.09 25.30
N ALA C 175 6.09 7.14 24.76
CA ALA C 175 4.86 7.65 25.32
C ALA C 175 3.80 6.61 24.97
N THR C 176 2.80 6.48 25.82
CA THR C 176 1.73 5.53 25.54
C THR C 176 0.78 6.23 24.58
N PRO C 177 0.01 5.46 23.81
CA PRO C 177 -0.92 6.10 22.87
C PRO C 177 -1.80 7.14 23.59
N GLN C 178 -2.20 6.81 24.82
CA GLN C 178 -3.04 7.72 25.60
C GLN C 178 -2.30 9.01 25.98
N GLN C 179 -1.02 8.88 26.31
CA GLN C 179 -0.22 10.04 26.68
C GLN C 179 -0.10 10.96 25.47
N ALA C 180 0.12 10.36 24.31
CA ALA C 180 0.23 11.11 23.08
C ALA C 180 -1.08 11.84 22.86
N GLN C 181 -2.16 11.08 22.88
CA GLN C 181 -3.52 11.61 22.70
C GLN C 181 -3.80 12.80 23.62
N ASP C 182 -3.42 12.67 24.89
CA ASP C 182 -3.64 13.74 25.86
C ASP C 182 -3.00 15.05 25.45
N VAL C 183 -1.80 14.97 24.88
CA VAL C 183 -1.10 16.17 24.44
C VAL C 183 -1.79 16.76 23.21
N HIS C 184 -2.14 15.92 22.24
CA HIS C 184 -2.81 16.38 21.02
C HIS C 184 -4.13 17.10 21.30
N LYS C 185 -4.95 16.55 22.19
CA LYS C 185 -6.21 17.16 22.52
C LYS C 185 -6.03 18.49 23.28
N ALA C 186 -5.02 18.57 24.14
CA ALA C 186 -4.80 19.79 24.90
C ALA C 186 -4.32 20.88 23.95
N LEU C 187 -3.52 20.49 22.96
CA LEU C 187 -3.02 21.42 21.97
C LEU C 187 -4.13 21.89 21.05
N ARG C 188 -4.98 20.97 20.62
CA ARG C 188 -6.08 21.35 19.72
C ARG C 188 -6.99 22.30 20.48
N GLN C 189 -7.18 22.04 21.77
CA GLN C 189 -8.02 22.88 22.59
C GLN C 189 -7.41 24.30 22.67
N TRP C 190 -6.10 24.36 22.87
CA TRP C 190 -5.43 25.65 22.95
C TRP C 190 -5.60 26.41 21.64
N ILE C 191 -5.49 25.69 20.53
CA ILE C 191 -5.64 26.32 19.21
C ILE C 191 -7.06 26.85 19.01
N CYS C 192 -8.06 26.11 19.47
CA CYS C 192 -9.45 26.55 19.33
C CYS C 192 -9.72 27.82 20.11
N GLU C 193 -9.24 27.87 21.35
CA GLU C 193 -9.44 29.03 22.22
C GLU C 193 -8.53 30.21 21.91
N ASN C 194 -7.33 29.93 21.43
CA ASN C 194 -6.36 30.98 21.15
C ASN C 194 -6.21 31.44 19.71
N ILE C 195 -6.58 30.58 18.76
CA ILE C 195 -6.47 30.95 17.36
C ILE C 195 -7.85 31.03 16.73
N ASP C 196 -8.51 29.90 16.61
CA ASP C 196 -9.85 29.84 16.02
C ASP C 196 -10.38 28.41 16.07
N ALA C 197 -11.64 28.26 16.44
CA ALA C 197 -12.26 26.95 16.53
C ALA C 197 -12.20 26.19 15.22
N LYS C 198 -12.36 26.89 14.10
CA LYS C 198 -12.31 26.22 12.80
C LYS C 198 -10.91 25.73 12.51
N VAL C 199 -9.90 26.53 12.84
CA VAL C 199 -8.51 26.14 12.61
C VAL C 199 -8.22 24.89 13.44
N GLY C 200 -8.60 24.93 14.71
CA GLY C 200 -8.36 23.80 15.60
C GLY C 200 -8.98 22.51 15.10
N ASN C 201 -10.17 22.60 14.53
CA ASN C 201 -10.85 21.40 14.04
C ASN C 201 -10.31 20.90 12.71
N SER C 202 -9.58 21.74 11.99
CA SER C 202 -9.06 21.33 10.69
C SER C 202 -7.56 21.10 10.65
N ILE C 203 -6.83 21.60 11.64
CA ILE C 203 -5.38 21.44 11.64
C ILE C 203 -4.95 20.02 12.00
N ARG C 204 -4.10 19.42 11.17
CA ARG C 204 -3.60 18.08 11.42
C ARG C 204 -2.46 18.15 12.42
N ILE C 205 -2.51 17.31 13.44
CA ILE C 205 -1.45 17.27 14.45
C ILE C 205 -0.85 15.87 14.40
N GLN C 206 0.37 15.77 13.86
CA GLN C 206 1.03 14.48 13.77
C GLN C 206 1.73 14.12 15.06
N TYR C 207 1.76 12.83 15.34
CA TYR C 207 2.45 12.33 16.50
C TYR C 207 3.86 12.16 15.99
N GLY C 208 4.83 12.77 16.68
CA GLY C 208 6.21 12.70 16.24
C GLY C 208 7.13 11.85 17.06
N GLY C 209 6.57 10.91 17.82
CA GLY C 209 7.40 10.04 18.64
C GLY C 209 7.78 8.79 17.88
N SER C 210 8.23 7.78 18.61
CA SER C 210 8.62 6.52 17.99
C SER C 210 7.41 5.83 17.39
N VAL C 211 7.35 5.79 16.05
CA VAL C 211 6.25 5.15 15.36
C VAL C 211 6.78 3.93 14.63
N THR C 212 6.14 2.79 14.85
CA THR C 212 6.57 1.55 14.21
C THR C 212 5.37 0.77 13.70
N ALA C 213 5.62 -0.35 13.04
CA ALA C 213 4.52 -1.15 12.52
C ALA C 213 3.65 -1.64 13.67
N ALA C 214 4.28 -1.96 14.79
CA ALA C 214 3.58 -2.49 15.95
C ALA C 214 2.64 -1.53 16.67
N ASN C 215 3.00 -0.25 16.73
CA ASN C 215 2.15 0.70 17.45
C ASN C 215 1.38 1.68 16.58
N CYS C 216 1.74 1.79 15.31
CA CYS C 216 1.08 2.75 14.43
C CYS C 216 -0.44 2.69 14.39
N LYS C 217 -1.02 1.50 14.44
CA LYS C 217 -2.47 1.39 14.39
C LYS C 217 -3.19 1.92 15.62
N GLU C 218 -2.70 1.57 16.80
CA GLU C 218 -3.34 2.06 18.02
C GLU C 218 -3.15 3.58 18.08
N LEU C 219 -1.95 4.03 17.73
CA LEU C 219 -1.61 5.46 17.71
C LEU C 219 -2.54 6.19 16.75
N ALA C 220 -2.71 5.63 15.56
CA ALA C 220 -3.56 6.22 14.53
C ALA C 220 -5.04 6.28 14.89
N SER C 221 -5.47 5.43 15.81
CA SER C 221 -6.87 5.40 16.21
C SER C 221 -7.19 6.40 17.32
N GLN C 222 -6.21 7.19 17.73
CA GLN C 222 -6.46 8.17 18.79
C GLN C 222 -7.21 9.34 18.17
N PRO C 223 -8.29 9.79 18.83
CA PRO C 223 -9.12 10.90 18.35
C PRO C 223 -8.42 12.16 17.84
N ASP C 224 -7.35 12.58 18.51
CA ASP C 224 -6.68 13.80 18.10
C ASP C 224 -5.32 13.64 17.41
N ILE C 225 -5.05 12.44 16.93
CA ILE C 225 -3.82 12.17 16.21
C ILE C 225 -4.19 12.02 14.73
N ASP C 226 -3.64 12.93 13.92
CA ASP C 226 -3.93 12.97 12.48
C ASP C 226 -2.82 12.44 11.60
N GLY C 227 -1.88 11.71 12.18
CA GLY C 227 -0.78 11.19 11.39
C GLY C 227 0.50 11.11 12.18
N PHE C 228 1.61 11.00 11.46
CA PHE C 228 2.92 10.87 12.10
C PHE C 228 4.04 11.57 11.35
N LEU C 229 5.10 11.88 12.10
CA LEU C 229 6.32 12.43 11.52
C LEU C 229 7.26 11.30 11.93
N VAL C 230 7.45 10.36 11.02
CA VAL C 230 8.27 9.18 11.28
C VAL C 230 9.77 9.41 11.20
N GLY C 231 10.49 8.83 12.15
CA GLY C 231 11.93 8.95 12.17
C GLY C 231 12.58 7.79 11.45
N GLY C 232 13.36 6.99 12.18
CA GLY C 232 14.05 5.86 11.61
C GLY C 232 13.25 4.95 10.68
N ALA C 233 12.00 4.69 11.02
CA ALA C 233 11.18 3.79 10.20
C ALA C 233 10.99 4.30 8.77
N SER C 234 11.07 5.61 8.57
CA SER C 234 10.88 6.17 7.24
C SER C 234 11.91 5.68 6.24
N LEU C 235 13.02 5.12 6.73
CA LEU C 235 14.08 4.61 5.86
C LEU C 235 13.82 3.17 5.46
N LYS C 236 12.87 2.53 6.13
CA LYS C 236 12.55 1.14 5.86
C LYS C 236 11.19 0.93 5.20
N PRO C 237 10.92 -0.29 4.71
CA PRO C 237 9.67 -0.65 4.05
C PRO C 237 8.50 -0.50 5.02
N GLU C 238 8.81 -0.60 6.30
CA GLU C 238 7.84 -0.48 7.38
C GLU C 238 7.10 0.85 7.28
N PHE C 239 7.70 1.82 6.61
CA PHE C 239 7.09 3.13 6.43
C PHE C 239 5.74 2.96 5.72
N VAL C 240 5.66 1.99 4.82
CA VAL C 240 4.42 1.73 4.10
C VAL C 240 3.35 1.29 5.09
N ASP C 241 3.73 0.44 6.03
CA ASP C 241 2.78 -0.03 7.04
C ASP C 241 2.25 1.12 7.86
N ILE C 242 3.12 2.08 8.16
CA ILE C 242 2.74 3.24 8.94
C ILE C 242 1.80 4.13 8.12
N ILE C 243 2.07 4.25 6.82
CA ILE C 243 1.22 5.08 5.96
C ILE C 243 -0.20 4.51 5.99
N ASN C 244 -0.32 3.20 6.18
CA ASN C 244 -1.62 2.54 6.22
C ASN C 244 -2.08 2.21 7.63
N ALA C 245 -1.64 2.99 8.61
CA ALA C 245 -2.03 2.74 10.01
C ALA C 245 -3.54 2.80 10.22
N ARG C 246 -4.23 3.57 9.39
CA ARG C 246 -5.68 3.69 9.51
C ARG C 246 -6.41 2.47 8.96
N GLN C 247 -5.78 1.77 8.02
CA GLN C 247 -6.39 0.58 7.42
C GLN C 247 -6.59 -0.51 8.46
N ALA D 2 56.17 27.06 -4.82
CA ALA D 2 55.41 28.03 -3.95
C ALA D 2 53.99 27.54 -3.66
N ARG D 3 53.16 28.45 -3.15
CA ARG D 3 51.78 28.13 -2.82
C ARG D 3 50.89 28.51 -3.99
N LYS D 4 50.14 27.54 -4.52
CA LYS D 4 49.27 27.80 -5.65
C LYS D 4 48.13 28.73 -5.28
N PHE D 5 47.96 29.78 -6.08
CA PHE D 5 46.92 30.78 -5.88
C PHE D 5 45.56 30.10 -5.89
N VAL D 6 44.79 30.26 -4.81
CA VAL D 6 43.48 29.63 -4.71
C VAL D 6 42.39 30.66 -4.53
N VAL D 7 41.38 30.60 -5.38
CA VAL D 7 40.27 31.55 -5.30
C VAL D 7 38.95 30.80 -5.18
N GLY D 8 38.23 31.09 -4.11
CA GLY D 8 36.95 30.45 -3.87
C GLY D 8 35.82 31.45 -4.00
N GLY D 9 34.71 30.98 -4.55
CA GLY D 9 33.55 31.84 -4.70
C GLY D 9 32.42 31.34 -3.82
N ASN D 10 32.21 32.02 -2.70
CA ASN D 10 31.14 31.64 -1.79
C ASN D 10 29.83 32.36 -2.17
N TRP D 11 28.91 31.62 -2.77
CA TRP D 11 27.63 32.16 -3.19
C TRP D 11 26.74 32.49 -1.99
N LYS D 12 27.03 31.86 -0.85
CA LYS D 12 26.20 32.07 0.35
C LYS D 12 24.78 31.64 -0.01
N MET D 13 23.77 32.23 0.61
CA MET D 13 22.41 31.83 0.30
C MET D 13 21.87 32.60 -0.90
N ASN D 14 22.34 32.21 -2.09
CA ASN D 14 21.94 32.84 -3.33
C ASN D 14 21.93 31.83 -4.47
N GLY D 15 21.01 32.01 -5.40
CA GLY D 15 20.96 31.13 -6.54
C GLY D 15 19.69 30.36 -6.82
N ASP D 16 19.54 29.98 -8.08
CA ASP D 16 18.43 29.18 -8.58
C ASP D 16 18.90 28.71 -9.95
N LYS D 17 18.14 27.80 -10.58
CA LYS D 17 18.54 27.27 -11.87
C LYS D 17 18.90 28.32 -12.92
N LYS D 18 18.11 29.38 -13.01
CA LYS D 18 18.42 30.42 -13.97
C LYS D 18 19.75 31.10 -13.63
N GLN D 19 19.86 31.60 -12.41
CA GLN D 19 21.07 32.29 -11.95
C GLN D 19 22.32 31.43 -11.98
N ILE D 20 22.18 30.15 -11.67
CA ILE D 20 23.34 29.26 -11.67
C ILE D 20 23.86 29.01 -13.09
N ASN D 21 22.96 29.00 -14.06
CA ASN D 21 23.36 28.79 -15.45
C ASN D 21 24.12 30.03 -15.96
N GLU D 22 23.72 31.20 -15.46
CA GLU D 22 24.36 32.44 -15.86
C GLU D 22 25.76 32.50 -15.24
N ILE D 23 25.88 32.10 -13.98
CA ILE D 23 27.18 32.12 -13.31
C ILE D 23 28.11 31.05 -13.88
N ILE D 24 27.58 29.86 -14.17
CA ILE D 24 28.40 28.80 -14.75
C ILE D 24 28.88 29.29 -16.12
N GLY D 25 28.10 30.19 -16.73
CA GLY D 25 28.45 30.74 -18.02
C GLY D 25 29.69 31.61 -17.90
N PHE D 26 29.70 32.46 -16.87
CA PHE D 26 30.84 33.34 -16.60
C PHE D 26 32.10 32.49 -16.52
N LEU D 27 32.03 31.43 -15.74
CA LEU D 27 33.16 30.53 -15.56
C LEU D 27 33.55 29.77 -16.82
N LYS D 28 32.57 29.32 -17.59
CA LYS D 28 32.85 28.58 -18.80
C LYS D 28 33.49 29.38 -19.93
N SER D 29 32.97 30.57 -20.20
CA SER D 29 33.53 31.41 -21.27
C SER D 29 34.73 32.19 -20.77
N GLY D 30 34.55 32.89 -19.65
CA GLY D 30 35.62 33.68 -19.09
C GLY D 30 36.99 33.03 -19.13
N PRO D 31 38.01 33.74 -19.64
CA PRO D 31 39.36 33.18 -19.72
C PRO D 31 39.93 33.06 -18.31
N LEU D 32 39.98 31.84 -17.79
CA LEU D 32 40.49 31.60 -16.45
C LEU D 32 41.96 31.18 -16.40
N ASN D 33 42.75 31.97 -15.67
CA ASN D 33 44.17 31.71 -15.50
C ASN D 33 44.35 30.26 -15.07
N GLN D 34 45.24 29.54 -15.76
CA GLN D 34 45.48 28.14 -15.45
C GLN D 34 46.31 27.89 -14.19
N ASP D 35 46.88 28.95 -13.63
CA ASP D 35 47.68 28.79 -12.42
C ASP D 35 46.86 28.97 -11.16
N THR D 36 45.58 29.26 -11.33
CA THR D 36 44.69 29.48 -10.19
C THR D 36 43.76 28.31 -9.90
N GLU D 37 43.76 27.88 -8.64
CA GLU D 37 42.88 26.80 -8.21
C GLU D 37 41.58 27.51 -7.90
N VAL D 38 40.51 27.12 -8.60
CA VAL D 38 39.20 27.74 -8.40
C VAL D 38 38.18 26.81 -7.75
N VAL D 39 37.47 27.33 -6.75
CA VAL D 39 36.45 26.56 -6.05
C VAL D 39 35.20 27.43 -5.91
N VAL D 40 34.04 26.81 -6.01
CA VAL D 40 32.77 27.53 -5.90
C VAL D 40 31.84 26.90 -4.85
N GLY D 41 31.54 27.66 -3.79
CA GLY D 41 30.67 27.18 -2.72
C GLY D 41 29.21 27.49 -3.02
N VAL D 42 28.40 26.45 -3.17
CA VAL D 42 26.99 26.63 -3.51
C VAL D 42 26.02 26.04 -2.49
N PRO D 43 24.76 26.49 -2.51
CA PRO D 43 23.73 25.99 -1.59
C PRO D 43 23.59 24.48 -1.80
N ALA D 44 23.44 23.72 -0.71
CA ALA D 44 23.36 22.28 -0.82
C ALA D 44 22.35 21.78 -1.86
N ILE D 45 21.24 22.50 -2.02
CA ILE D 45 20.22 22.11 -2.98
C ILE D 45 20.73 21.97 -4.42
N TYR D 46 21.75 22.74 -4.77
CA TYR D 46 22.28 22.69 -6.13
C TYR D 46 23.69 22.11 -6.19
N LEU D 47 24.11 21.43 -5.13
CA LEU D 47 25.43 20.85 -5.10
C LEU D 47 25.70 19.96 -6.29
N GLU D 48 24.84 18.97 -6.50
CA GLU D 48 24.99 18.04 -7.62
C GLU D 48 24.86 18.77 -8.95
N LEU D 49 23.89 19.68 -9.03
CA LEU D 49 23.66 20.43 -10.26
C LEU D 49 24.91 21.18 -10.71
N VAL D 50 25.53 21.92 -9.80
CA VAL D 50 26.73 22.68 -10.13
C VAL D 50 27.89 21.77 -10.53
N ARG D 51 28.10 20.70 -9.77
CA ARG D 51 29.19 19.78 -10.06
C ARG D 51 29.08 19.19 -11.47
N THR D 52 27.87 18.90 -11.92
CA THR D 52 27.68 18.32 -13.26
C THR D 52 27.87 19.35 -14.37
N CYS D 53 27.64 20.62 -14.07
CA CYS D 53 27.78 21.68 -15.07
C CYS D 53 29.15 22.37 -15.07
N VAL D 54 29.84 22.32 -13.93
CA VAL D 54 31.15 22.95 -13.79
C VAL D 54 32.29 22.04 -14.24
N PRO D 55 33.29 22.60 -14.94
CA PRO D 55 34.44 21.82 -15.42
C PRO D 55 35.14 21.10 -14.27
N ALA D 56 35.62 19.89 -14.52
CA ALA D 56 36.31 19.10 -13.50
C ALA D 56 37.47 19.86 -12.87
N SER D 57 37.99 20.85 -13.59
CA SER D 57 39.11 21.64 -13.10
C SER D 57 38.69 22.49 -11.92
N ILE D 58 37.44 22.96 -11.93
CA ILE D 58 36.93 23.79 -10.85
C ILE D 58 36.29 22.94 -9.76
N GLY D 59 36.67 23.22 -8.51
CA GLY D 59 36.13 22.48 -7.38
C GLY D 59 34.77 22.98 -6.96
N VAL D 60 33.91 22.06 -6.53
CA VAL D 60 32.57 22.44 -6.09
C VAL D 60 32.50 22.17 -4.60
N ALA D 61 32.26 23.22 -3.83
CA ALA D 61 32.20 23.11 -2.38
C ALA D 61 30.83 23.24 -1.78
N ALA D 62 30.62 22.56 -0.66
CA ALA D 62 29.36 22.66 0.07
C ALA D 62 29.67 23.81 1.01
N GLN D 63 28.64 24.51 1.47
CA GLN D 63 28.85 25.64 2.34
C GLN D 63 28.93 25.30 3.82
N ASN D 64 28.74 24.01 4.12
CA ASN D 64 28.80 23.52 5.49
C ASN D 64 28.44 22.04 5.50
N CYS D 65 28.80 21.35 6.58
CA CYS D 65 28.47 19.94 6.75
C CYS D 65 28.58 19.57 8.23
N TYR D 66 28.10 18.40 8.60
CA TYR D 66 28.19 17.99 9.99
C TYR D 66 29.42 17.12 10.24
N LYS D 67 29.57 16.63 11.47
CA LYS D 67 30.73 15.84 11.86
C LYS D 67 30.65 14.31 11.87
N VAL D 68 29.57 13.74 11.34
CA VAL D 68 29.45 12.28 11.27
C VAL D 68 28.87 11.91 9.90
N PRO D 69 28.99 10.65 9.50
CA PRO D 69 28.46 10.23 8.20
C PRO D 69 26.95 10.28 8.09
N LYS D 70 26.27 9.97 9.19
CA LYS D 70 24.82 9.95 9.23
C LYS D 70 24.32 10.02 10.67
N GLY D 71 23.04 10.31 10.84
CA GLY D 71 22.50 10.37 12.18
C GLY D 71 21.23 11.18 12.34
N ALA D 72 20.82 11.35 13.59
CA ALA D 72 19.61 12.10 13.92
C ALA D 72 19.94 13.58 14.01
N PHE D 73 20.23 14.16 12.85
CA PHE D 73 20.58 15.58 12.74
C PHE D 73 19.78 16.16 11.58
N THR D 74 18.51 16.42 11.85
CA THR D 74 17.61 16.97 10.85
C THR D 74 18.15 18.29 10.34
N GLY D 75 18.21 18.42 9.02
CA GLY D 75 18.70 19.63 8.41
C GLY D 75 20.17 19.67 8.11
N GLU D 76 20.92 18.64 8.51
CA GLU D 76 22.36 18.62 8.27
C GLU D 76 22.74 17.66 7.16
N ILE D 77 23.89 17.92 6.52
CA ILE D 77 24.38 17.05 5.47
C ILE D 77 25.77 16.60 5.88
N SER D 78 26.21 15.46 5.37
CA SER D 78 27.52 14.95 5.72
C SER D 78 28.50 14.91 4.55
N PRO D 79 29.80 14.81 4.85
CA PRO D 79 30.79 14.75 3.78
C PRO D 79 30.47 13.57 2.87
N ALA D 80 29.94 12.49 3.46
CA ALA D 80 29.59 11.31 2.70
C ALA D 80 28.56 11.65 1.61
N MET D 81 27.64 12.55 1.92
CA MET D 81 26.62 12.95 0.95
C MET D 81 27.23 13.88 -0.08
N ILE D 82 28.09 14.78 0.41
CA ILE D 82 28.76 15.75 -0.45
C ILE D 82 29.53 15.02 -1.55
N LYS D 83 30.24 13.96 -1.16
CA LYS D 83 31.01 13.18 -2.11
C LYS D 83 30.11 12.33 -3.02
N ASP D 84 28.99 11.87 -2.47
CA ASP D 84 28.06 11.04 -3.22
C ASP D 84 27.53 11.75 -4.46
N VAL D 85 27.53 13.09 -4.44
CA VAL D 85 27.08 13.84 -5.61
C VAL D 85 28.27 14.36 -6.39
N GLY D 86 29.46 13.89 -6.03
CA GLY D 86 30.67 14.29 -6.74
C GLY D 86 31.42 15.53 -6.31
N ALA D 87 30.90 16.28 -5.33
CA ALA D 87 31.59 17.48 -4.87
C ALA D 87 32.86 17.08 -4.11
N ASP D 88 33.87 17.92 -4.16
CA ASP D 88 35.15 17.65 -3.53
C ASP D 88 35.59 18.65 -2.45
N TRP D 89 34.78 19.67 -2.21
CA TRP D 89 35.13 20.68 -1.21
C TRP D 89 33.99 20.99 -0.24
N VAL D 90 34.34 21.70 0.83
CA VAL D 90 33.38 22.14 1.81
C VAL D 90 33.97 23.31 2.58
N ILE D 91 33.16 24.37 2.72
CA ILE D 91 33.56 25.56 3.44
C ILE D 91 33.08 25.36 4.85
N LEU D 92 33.98 25.50 5.82
CA LEU D 92 33.61 25.30 7.22
C LEU D 92 34.08 26.43 8.10
N GLY D 93 33.33 26.70 9.17
CA GLY D 93 33.71 27.75 10.08
C GLY D 93 33.50 29.17 9.56
N HIS D 94 32.74 29.33 8.48
CA HIS D 94 32.49 30.67 7.95
C HIS D 94 31.99 31.56 9.09
N SER D 95 32.31 32.85 9.05
CA SER D 95 31.90 33.78 10.10
C SER D 95 30.41 33.84 10.36
N GLU D 96 29.62 33.68 9.29
CA GLU D 96 28.18 33.73 9.42
C GLU D 96 27.67 32.52 10.21
N ARG D 97 28.36 31.40 10.08
CA ARG D 97 27.97 30.22 10.83
C ARG D 97 28.43 30.32 12.28
N ARG D 98 29.55 31.02 12.50
CA ARG D 98 30.07 31.19 13.86
C ARG D 98 29.24 32.21 14.64
N GLN D 99 28.95 33.33 13.98
CA GLN D 99 28.20 34.42 14.62
C GLN D 99 26.68 34.31 14.56
N ILE D 100 26.12 33.99 13.38
CA ILE D 100 24.68 33.91 13.27
C ILE D 100 24.11 32.59 13.81
N PHE D 101 24.78 31.49 13.51
CA PHE D 101 24.29 30.19 13.95
C PHE D 101 25.05 29.62 15.13
N GLY D 102 25.93 30.43 15.70
CA GLY D 102 26.70 30.02 16.86
C GLY D 102 27.53 28.75 16.86
N GLU D 103 28.21 28.45 15.75
CA GLU D 103 29.04 27.25 15.71
C GLU D 103 30.32 27.54 16.52
N SER D 104 30.71 26.63 17.39
CA SER D 104 31.89 26.81 18.23
C SER D 104 33.20 26.40 17.55
N ASP D 105 34.32 26.89 18.08
CA ASP D 105 35.64 26.59 17.53
C ASP D 105 35.84 25.08 17.49
N GLU D 106 35.35 24.40 18.52
CA GLU D 106 35.47 22.97 18.65
C GLU D 106 34.59 22.23 17.64
N LEU D 107 33.37 22.72 17.46
CA LEU D 107 32.49 22.07 16.49
C LEU D 107 33.12 22.19 15.10
N ILE D 108 33.62 23.38 14.80
CA ILE D 108 34.27 23.65 13.52
C ILE D 108 35.45 22.70 13.33
N ALA D 109 36.26 22.55 14.37
CA ALA D 109 37.42 21.67 14.33
C ALA D 109 37.01 20.23 14.06
N GLU D 110 35.97 19.77 14.75
CA GLU D 110 35.50 18.41 14.56
C GLU D 110 34.97 18.17 13.15
N LYS D 111 34.31 19.18 12.59
CA LYS D 111 33.78 19.08 11.24
C LYS D 111 34.95 19.03 10.25
N VAL D 112 35.95 19.87 10.49
CA VAL D 112 37.13 19.91 9.63
C VAL D 112 37.82 18.55 9.67
N CYS D 113 37.98 18.01 10.87
CA CYS D 113 38.61 16.71 11.02
C CYS D 113 37.82 15.62 10.27
N HIS D 114 36.52 15.59 10.48
CA HIS D 114 35.67 14.59 9.84
C HIS D 114 35.63 14.78 8.31
N ALA D 115 35.54 16.03 7.86
CA ALA D 115 35.51 16.29 6.43
C ALA D 115 36.79 15.81 5.78
N LEU D 116 37.93 16.18 6.38
CA LEU D 116 39.21 15.75 5.83
C LEU D 116 39.31 14.23 5.81
N GLU D 117 38.93 13.59 6.91
CA GLU D 117 38.99 12.13 6.96
C GLU D 117 38.08 11.48 5.93
N SER D 118 37.01 12.18 5.57
CA SER D 118 36.04 11.66 4.61
C SER D 118 36.46 11.82 3.16
N GLY D 119 37.64 12.43 2.95
CA GLY D 119 38.13 12.61 1.60
C GLY D 119 37.79 13.93 0.93
N LEU D 120 37.46 14.94 1.71
CA LEU D 120 37.12 16.24 1.17
C LEU D 120 38.24 17.24 1.42
N LYS D 121 38.32 18.28 0.58
CA LYS D 121 39.31 19.32 0.75
C LYS D 121 38.55 20.39 1.53
N VAL D 122 39.20 21.12 2.42
CA VAL D 122 38.48 22.10 3.22
C VAL D 122 38.96 23.55 3.23
N ILE D 123 38.02 24.48 3.19
CA ILE D 123 38.35 25.89 3.29
C ILE D 123 37.88 26.23 4.70
N ALA D 124 38.81 26.24 5.64
CA ALA D 124 38.49 26.55 7.03
C ALA D 124 38.56 28.04 7.24
N CYS D 125 37.47 28.64 7.72
CA CYS D 125 37.44 30.08 7.93
C CYS D 125 37.65 30.49 9.38
N ILE D 126 38.27 31.65 9.55
CA ILE D 126 38.57 32.21 10.86
C ILE D 126 38.49 33.72 10.70
N GLY D 127 38.52 34.45 11.82
CA GLY D 127 38.47 35.90 11.73
C GLY D 127 37.87 36.53 12.97
N GLU D 128 38.35 37.73 13.31
CA GLU D 128 37.86 38.44 14.47
C GLU D 128 36.84 39.53 14.13
N THR D 129 35.94 39.81 15.08
CA THR D 129 34.92 40.84 14.89
C THR D 129 35.53 42.20 15.20
N LEU D 130 34.74 43.25 15.06
CA LEU D 130 35.22 44.60 15.34
C LEU D 130 35.48 44.76 16.84
N GLU D 131 34.58 44.19 17.66
CA GLU D 131 34.71 44.29 19.09
C GLU D 131 36.06 43.70 19.52
N GLU D 132 36.36 42.52 19.01
CA GLU D 132 37.60 41.83 19.34
C GLU D 132 38.82 42.56 18.81
N ARG D 133 38.74 43.07 17.58
CA ARG D 133 39.85 43.78 16.99
C ARG D 133 40.14 45.06 17.79
N GLU D 134 39.11 45.85 18.02
CA GLU D 134 39.27 47.09 18.78
C GLU D 134 39.80 46.82 20.17
N ALA D 135 39.45 45.67 20.73
CA ALA D 135 39.91 45.31 22.07
C ALA D 135 41.33 44.73 22.01
N GLY D 136 41.93 44.79 20.81
CA GLY D 136 43.28 44.28 20.61
C GLY D 136 43.46 42.77 20.68
N LYS D 137 42.45 42.02 20.25
CA LYS D 137 42.51 40.57 20.28
C LYS D 137 42.56 39.90 18.92
N THR D 138 42.96 40.64 17.89
CA THR D 138 43.03 40.06 16.55
C THR D 138 43.84 38.76 16.54
N GLU D 139 45.07 38.80 17.03
CA GLU D 139 45.90 37.60 17.04
C GLU D 139 45.34 36.56 17.98
N GLU D 140 44.85 37.02 19.13
CA GLU D 140 44.28 36.12 20.13
C GLU D 140 43.16 35.26 19.56
N VAL D 141 42.27 35.90 18.81
CA VAL D 141 41.12 35.21 18.22
C VAL D 141 41.50 34.27 17.08
N VAL D 142 42.19 34.78 16.07
CA VAL D 142 42.58 33.95 14.93
C VAL D 142 43.47 32.77 15.36
N PHE D 143 44.35 32.97 16.33
CA PHE D 143 45.21 31.89 16.80
C PHE D 143 44.39 30.87 17.57
N ARG D 144 43.45 31.35 18.39
CA ARG D 144 42.59 30.45 19.15
C ARG D 144 41.75 29.60 18.20
N GLN D 145 41.12 30.25 17.24
CA GLN D 145 40.30 29.53 16.28
C GLN D 145 41.15 28.51 15.52
N THR D 146 42.33 28.93 15.10
CA THR D 146 43.24 28.06 14.38
C THR D 146 43.73 26.90 15.25
N LYS D 147 44.07 27.21 16.50
CA LYS D 147 44.56 26.20 17.43
C LYS D 147 43.53 25.09 17.64
N ALA D 148 42.26 25.48 17.74
CA ALA D 148 41.18 24.52 17.95
C ALA D 148 41.13 23.54 16.78
N ILE D 149 41.29 24.05 15.57
CA ILE D 149 41.27 23.18 14.40
C ILE D 149 42.51 22.30 14.38
N ALA D 150 43.66 22.87 14.76
CA ALA D 150 44.91 22.13 14.76
C ALA D 150 44.84 20.93 15.69
N ALA D 151 44.12 21.08 16.79
CA ALA D 151 44.00 19.99 17.75
C ALA D 151 43.33 18.76 17.14
N LYS D 152 42.61 18.94 16.03
CA LYS D 152 41.91 17.82 15.41
C LYS D 152 42.40 17.48 14.01
N VAL D 153 43.45 18.15 13.57
CA VAL D 153 43.97 17.89 12.23
C VAL D 153 45.44 17.49 12.29
N ASN D 154 45.77 16.40 11.63
CA ASN D 154 47.15 15.93 11.59
C ASN D 154 47.75 16.09 10.20
N ASP D 155 46.88 16.23 9.20
CA ASP D 155 47.31 16.41 7.82
C ASP D 155 46.68 17.69 7.24
N TRP D 156 47.50 18.67 6.92
CA TRP D 156 47.02 19.94 6.39
C TRP D 156 47.07 20.03 4.88
N SER D 157 47.49 18.96 4.22
CA SER D 157 47.60 18.97 2.77
C SER D 157 46.33 19.43 2.05
N ASN D 158 45.17 18.96 2.51
CA ASN D 158 43.90 19.33 1.87
C ASN D 158 43.14 20.45 2.56
N VAL D 159 43.84 21.25 3.34
CA VAL D 159 43.21 22.36 4.04
C VAL D 159 43.67 23.72 3.54
N VAL D 160 42.71 24.61 3.34
CA VAL D 160 43.00 25.97 2.91
C VAL D 160 42.36 26.84 3.96
N ILE D 161 43.13 27.74 4.54
CA ILE D 161 42.60 28.64 5.56
C ILE D 161 42.20 29.97 4.92
N ALA D 162 41.04 30.49 5.30
CA ALA D 162 40.58 31.76 4.76
C ALA D 162 40.38 32.69 5.96
N TYR D 163 41.01 33.86 5.92
CA TYR D 163 40.86 34.82 7.00
C TYR D 163 39.82 35.84 6.61
N GLU D 164 38.82 35.99 7.46
CA GLU D 164 37.74 36.93 7.22
C GLU D 164 37.87 38.12 8.15
N PRO D 165 38.09 39.31 7.59
CA PRO D 165 38.22 40.51 8.44
C PRO D 165 36.81 40.97 8.79
N VAL D 166 36.08 40.12 9.51
CA VAL D 166 34.71 40.42 9.93
C VAL D 166 34.57 41.83 10.49
N TRP D 167 35.61 42.30 11.18
CA TRP D 167 35.62 43.63 11.78
C TRP D 167 35.39 44.74 10.75
N ALA D 168 35.81 44.49 9.51
CA ALA D 168 35.66 45.46 8.45
C ALA D 168 34.20 45.89 8.32
N ILE D 169 33.32 44.93 8.01
CA ILE D 169 31.89 45.25 7.88
C ILE D 169 31.52 46.31 8.91
N GLY D 170 30.81 47.33 8.44
CA GLY D 170 30.44 48.44 9.29
C GLY D 170 31.13 49.61 8.62
N THR D 171 30.84 50.83 9.03
CA THR D 171 31.46 51.98 8.39
C THR D 171 32.99 51.83 8.42
N GLY D 172 33.46 50.90 9.24
CA GLY D 172 34.89 50.65 9.34
C GLY D 172 35.39 50.09 8.03
N LYS D 173 35.58 50.97 7.04
CA LYS D 173 36.04 50.60 5.71
C LYS D 173 36.91 49.36 5.70
N THR D 174 36.79 48.58 4.63
CA THR D 174 37.57 47.34 4.47
C THR D 174 38.99 47.51 4.99
N ALA D 175 39.63 46.38 5.26
CA ALA D 175 41.00 46.41 5.73
C ALA D 175 41.84 46.89 4.56
N THR D 176 43.02 47.42 4.86
CA THR D 176 43.93 47.85 3.81
C THR D 176 44.69 46.58 3.45
N PRO D 177 45.40 46.56 2.30
CA PRO D 177 46.14 45.35 1.96
C PRO D 177 47.22 45.04 2.99
N GLN D 178 47.81 46.09 3.56
CA GLN D 178 48.84 45.89 4.56
C GLN D 178 48.27 45.26 5.82
N GLN D 179 47.14 45.77 6.28
CA GLN D 179 46.49 45.25 7.48
C GLN D 179 46.20 43.77 7.26
N ALA D 180 45.71 43.45 6.06
CA ALA D 180 45.39 42.08 5.67
C ALA D 180 46.66 41.24 5.75
N GLN D 181 47.70 41.73 5.09
CA GLN D 181 49.00 41.06 5.06
C GLN D 181 49.55 40.84 6.47
N ASP D 182 49.30 41.78 7.38
CA ASP D 182 49.80 41.64 8.75
C ASP D 182 49.17 40.44 9.45
N VAL D 183 47.87 40.23 9.22
CA VAL D 183 47.19 39.10 9.84
C VAL D 183 47.69 37.81 9.21
N HIS D 184 47.74 37.77 7.89
CA HIS D 184 48.19 36.58 7.19
C HIS D 184 49.59 36.18 7.66
N LYS D 185 50.49 37.15 7.77
CA LYS D 185 51.85 36.83 8.20
C LYS D 185 51.90 36.33 9.63
N ALA D 186 51.21 37.01 10.54
CA ALA D 186 51.21 36.62 11.94
C ALA D 186 50.68 35.19 12.06
N LEU D 187 49.65 34.90 11.27
CA LEU D 187 49.05 33.58 11.27
C LEU D 187 50.04 32.54 10.76
N ARG D 188 50.61 32.78 9.58
CA ARG D 188 51.55 31.81 9.02
C ARG D 188 52.70 31.54 9.98
N GLN D 189 53.12 32.58 10.69
CA GLN D 189 54.21 32.45 11.65
C GLN D 189 53.79 31.62 12.86
N TRP D 190 52.55 31.79 13.31
CA TRP D 190 52.06 31.01 14.44
C TRP D 190 52.06 29.55 14.05
N ILE D 191 51.60 29.26 12.83
CA ILE D 191 51.52 27.91 12.32
C ILE D 191 52.89 27.25 12.21
N CYS D 192 53.85 27.97 11.65
CA CYS D 192 55.21 27.47 11.51
C CYS D 192 55.78 27.12 12.88
N GLU D 193 55.56 28.02 13.83
CA GLU D 193 56.08 27.85 15.18
C GLU D 193 55.36 26.82 16.06
N ASN D 194 54.05 26.68 15.88
CA ASN D 194 53.30 25.77 16.72
C ASN D 194 52.77 24.49 16.08
N ILE D 195 52.78 24.43 14.76
CA ILE D 195 52.34 23.21 14.09
C ILE D 195 53.58 22.61 13.44
N ASP D 196 53.97 23.18 12.30
CA ASP D 196 55.16 22.73 11.59
C ASP D 196 55.64 23.83 10.64
N ALA D 197 56.94 23.94 10.47
CA ALA D 197 57.50 24.95 9.58
C ALA D 197 57.05 24.62 8.15
N LYS D 198 57.21 23.37 7.75
CA LYS D 198 56.82 22.98 6.39
C LYS D 198 55.35 23.22 6.13
N VAL D 199 54.49 22.95 7.12
CA VAL D 199 53.06 23.18 6.96
C VAL D 199 52.82 24.68 6.77
N GLY D 200 53.44 25.48 7.63
CA GLY D 200 53.29 26.92 7.53
C GLY D 200 53.69 27.46 6.18
N ASN D 201 54.81 26.98 5.62
CA ASN D 201 55.30 27.44 4.32
C ASN D 201 54.47 26.95 3.14
N SER D 202 53.77 25.84 3.31
CA SER D 202 53.01 25.27 2.21
C SER D 202 51.51 25.54 2.21
N ILE D 203 50.97 26.02 3.33
CA ILE D 203 49.55 26.23 3.43
C ILE D 203 49.00 27.56 2.90
N ARG D 204 48.00 27.45 2.03
CA ARG D 204 47.35 28.60 1.43
C ARG D 204 46.42 29.27 2.42
N ILE D 205 46.56 30.59 2.54
CA ILE D 205 45.76 31.38 3.43
C ILE D 205 45.11 32.42 2.56
N GLN D 206 43.79 32.31 2.39
CA GLN D 206 43.03 33.23 1.55
C GLN D 206 42.57 34.44 2.33
N TYR D 207 42.44 35.57 1.64
CA TYR D 207 41.93 36.77 2.27
C TYR D 207 40.42 36.64 2.05
N GLY D 208 39.65 36.64 3.14
CA GLY D 208 38.20 36.51 3.01
C GLY D 208 37.43 37.80 3.23
N GLY D 209 38.05 38.92 2.94
CA GLY D 209 37.36 40.18 3.10
C GLY D 209 36.79 40.65 1.77
N SER D 210 36.43 41.92 1.69
CA SER D 210 35.86 42.47 0.47
C SER D 210 36.88 42.44 -0.66
N VAL D 211 36.64 41.59 -1.67
CA VAL D 211 37.55 41.50 -2.78
C VAL D 211 36.84 41.88 -4.08
N THR D 212 37.29 42.98 -4.68
CA THR D 212 36.73 43.49 -5.92
C THR D 212 37.75 43.39 -7.05
N ALA D 213 37.34 43.78 -8.26
CA ALA D 213 38.23 43.75 -9.42
C ALA D 213 39.20 44.93 -9.32
N ALA D 214 38.88 45.88 -8.45
CA ALA D 214 39.71 47.06 -8.26
C ALA D 214 40.83 46.87 -7.23
N ASN D 215 40.62 45.97 -6.27
CA ASN D 215 41.62 45.75 -5.24
C ASN D 215 42.26 44.36 -5.22
N CYS D 216 41.77 43.45 -6.06
CA CYS D 216 42.32 42.09 -6.06
C CYS D 216 43.78 42.00 -6.45
N LYS D 217 44.24 42.83 -7.39
CA LYS D 217 45.62 42.75 -7.78
C LYS D 217 46.57 43.12 -6.66
N GLU D 218 46.27 44.22 -5.96
CA GLU D 218 47.11 44.66 -4.86
C GLU D 218 47.09 43.67 -3.70
N LEU D 219 45.91 43.10 -3.44
CA LEU D 219 45.80 42.13 -2.35
C LEU D 219 46.59 40.85 -2.69
N ALA D 220 46.46 40.39 -3.93
CA ALA D 220 47.18 39.19 -4.37
C ALA D 220 48.70 39.39 -4.40
N SER D 221 49.14 40.65 -4.36
CA SER D 221 50.57 40.94 -4.37
C SER D 221 51.17 40.78 -2.97
N GLN D 222 50.33 40.86 -1.94
CA GLN D 222 50.79 40.73 -0.57
C GLN D 222 51.49 39.38 -0.39
N PRO D 223 52.66 39.39 0.25
CA PRO D 223 53.51 38.21 0.52
C PRO D 223 52.86 36.99 1.15
N ASP D 224 51.94 37.18 2.08
CA ASP D 224 51.34 36.03 2.74
C ASP D 224 49.88 35.76 2.39
N ILE D 225 49.37 36.44 1.37
CA ILE D 225 48.00 36.22 0.92
C ILE D 225 48.07 35.28 -0.30
N ASP D 226 47.55 34.06 -0.15
CA ASP D 226 47.59 33.07 -1.23
C ASP D 226 46.32 32.90 -2.05
N GLY D 227 45.31 33.72 -1.79
CA GLY D 227 44.07 33.60 -2.52
C GLY D 227 42.90 34.38 -1.95
N PHE D 228 41.71 34.10 -2.48
CA PHE D 228 40.52 34.80 -2.02
C PHE D 228 39.32 33.88 -1.78
N LEU D 229 38.50 34.26 -0.80
CA LEU D 229 37.25 33.57 -0.52
C LEU D 229 36.32 34.74 -0.79
N VAL D 230 35.78 34.77 -2.00
CA VAL D 230 34.94 35.89 -2.45
C VAL D 230 33.47 35.83 -2.05
N GLY D 231 32.95 36.99 -1.67
CA GLY D 231 31.55 37.09 -1.29
C GLY D 231 30.67 37.39 -2.49
N GLY D 232 29.89 38.46 -2.39
CA GLY D 232 28.99 38.86 -3.45
C GLY D 232 29.54 38.90 -4.86
N ALA D 233 30.81 39.21 -5.03
CA ALA D 233 31.40 39.28 -6.37
C ALA D 233 31.45 37.92 -7.07
N SER D 234 31.37 36.84 -6.30
CA SER D 234 31.42 35.51 -6.87
C SER D 234 30.15 35.21 -7.68
N LEU D 235 29.18 36.10 -7.59
CA LEU D 235 27.92 35.97 -8.30
C LEU D 235 27.93 36.74 -9.63
N LYS D 236 29.02 37.42 -9.93
CA LYS D 236 29.10 38.21 -11.16
C LYS D 236 30.33 37.94 -12.00
N PRO D 237 30.39 38.49 -13.22
CA PRO D 237 31.54 38.28 -14.10
C PRO D 237 32.84 38.72 -13.41
N GLU D 238 32.70 39.68 -12.49
CA GLU D 238 33.82 40.21 -11.73
C GLU D 238 34.69 39.09 -11.19
N PHE D 239 34.04 37.97 -10.84
CA PHE D 239 34.72 36.81 -10.30
C PHE D 239 35.91 36.41 -11.17
N VAL D 240 35.71 36.42 -12.48
CA VAL D 240 36.77 36.05 -13.41
C VAL D 240 37.96 37.01 -13.28
N ASP D 241 37.69 38.27 -12.96
CA ASP D 241 38.77 39.22 -12.79
C ASP D 241 39.55 38.86 -11.53
N ILE D 242 38.81 38.50 -10.49
CA ILE D 242 39.45 38.12 -9.22
C ILE D 242 40.28 36.85 -9.38
N ILE D 243 39.77 35.89 -10.15
CA ILE D 243 40.50 34.64 -10.39
C ILE D 243 41.80 34.95 -11.13
N ASN D 244 41.82 36.07 -11.86
CA ASN D 244 42.98 36.49 -12.64
C ASN D 244 43.80 37.62 -12.00
N ALA D 245 43.56 37.91 -10.72
CA ALA D 245 44.28 38.99 -10.05
C ALA D 245 45.80 38.94 -10.22
N ARG D 246 46.36 37.75 -10.41
CA ARG D 246 47.80 37.59 -10.56
C ARG D 246 48.31 37.70 -12.01
N GLN D 247 47.45 37.41 -12.98
CA GLN D 247 47.85 37.49 -14.39
C GLN D 247 48.48 38.84 -14.75
N LEU D 248 49.63 38.79 -15.42
CA LEU D 248 50.35 40.01 -15.79
C LEU D 248 49.58 40.94 -16.71
N VAL D 249 48.84 40.38 -17.66
CA VAL D 249 48.05 41.21 -18.58
C VAL D 249 46.62 40.71 -18.73
#